data_6ERB
#
_entry.id   6ERB
#
_cell.length_a   121.931
_cell.length_b   131.161
_cell.length_c   136.711
_cell.angle_alpha   90.00
_cell.angle_beta   90.00
_cell.angle_gamma   90.00
#
_symmetry.space_group_name_H-M   'I 2 2 2'
#
loop_
_entity.id
_entity.type
_entity.pdbx_description
1 polymer 'Fic family protein'
2 non-polymer 'SULFATE ION'
3 water water
#
_entity_poly.entity_id   1
_entity_poly.type   'polypeptide(L)'
_entity_poly.pdbx_seq_one_letter_code
;MHHHHHHMLENKLGIINQLELNRVEERVSKENAKRLYDSGDIDRIEVGTFKGLSYIHNYLFEDIYEFAGKVRSQNISKGN
FRFAPVMYLEIALEHIDKMPQRNLDEIVAKYVEMNIAAPFREGNGRATRIWLDLILKKELKRVVDWNLINKEDYLSAMER
SPVKDLEIKYLISNALTDKINDREIFMKGIDISYYYEGYTEYNVDEL
;
_entity_poly.pdbx_strand_id   A,D,B,C
#
loop_
_chem_comp.id
_chem_comp.type
_chem_comp.name
_chem_comp.formula
SO4 non-polymer 'SULFATE ION' 'O4 S -2'
#
# COMPACT_ATOMS: atom_id res chain seq x y z
N GLU A 10 23.42 9.67 -18.23
CA GLU A 10 23.44 10.66 -19.30
C GLU A 10 23.60 12.10 -18.77
N ASN A 11 24.79 12.69 -18.94
CA ASN A 11 25.15 13.90 -18.23
C ASN A 11 26.13 14.74 -19.06
N LYS A 12 26.27 16.01 -18.66
CA LYS A 12 27.16 16.93 -19.36
C LYS A 12 28.64 16.64 -19.06
N LEU A 13 28.95 16.12 -17.89
CA LEU A 13 30.32 15.76 -17.57
C LEU A 13 30.72 14.48 -18.29
N GLY A 14 31.96 14.08 -18.12
CA GLY A 14 32.46 12.90 -18.82
C GLY A 14 32.33 11.61 -18.03
N ILE A 15 31.21 11.42 -17.34
CA ILE A 15 31.10 10.39 -16.30
C ILE A 15 30.41 9.13 -16.80
N ILE A 16 31.07 7.97 -16.60
CA ILE A 16 30.53 6.66 -16.98
C ILE A 16 30.10 5.83 -15.77
N ASN A 17 30.43 6.27 -14.56
CA ASN A 17 30.12 5.54 -13.34
C ASN A 17 28.99 6.22 -12.56
N GLN A 18 27.95 5.43 -12.23
CA GLN A 18 26.78 6.01 -11.57
C GLN A 18 27.13 6.53 -10.18
N LEU A 19 28.02 5.84 -9.46
CA LEU A 19 28.42 6.29 -8.12
C LEU A 19 29.25 7.58 -8.20
N GLU A 20 30.12 7.70 -9.20
CA GLU A 20 30.87 8.94 -9.36
C GLU A 20 29.91 10.06 -9.74
N LEU A 21 28.95 9.76 -10.64
CA LEU A 21 27.93 10.75 -11.00
C LEU A 21 27.14 11.21 -9.78
N ASN A 22 26.73 10.28 -8.91
CA ASN A 22 26.01 10.67 -7.69
C ASN A 22 26.87 11.62 -6.86
N ARG A 23 28.17 11.33 -6.74
CA ARG A 23 29.07 12.15 -5.91
C ARG A 23 29.16 13.58 -6.47
N VAL A 24 29.48 13.70 -7.77
CA VAL A 24 29.67 15.00 -8.40
C VAL A 24 28.34 15.76 -8.48
N GLU A 25 27.25 15.06 -8.82
CA GLU A 25 25.95 15.71 -8.82
C GLU A 25 25.65 16.32 -7.47
N GLU A 26 25.86 15.56 -6.38
CA GLU A 26 25.62 16.11 -5.04
C GLU A 26 26.47 17.36 -4.82
N ARG A 27 27.75 17.30 -5.13
CA ARG A 27 28.63 18.42 -4.82
C ARG A 27 28.26 19.67 -5.62
N VAL A 28 28.13 19.52 -6.94
CA VAL A 28 27.84 20.67 -7.81
C VAL A 28 26.49 21.27 -7.45
N SER A 29 25.45 20.43 -7.34
CA SER A 29 24.12 20.97 -7.11
C SER A 29 24.00 21.59 -5.72
N LYS A 30 24.70 21.04 -4.72
CA LYS A 30 24.70 21.67 -3.40
C LYS A 30 25.43 23.01 -3.43
N GLU A 31 26.55 23.09 -4.17
CA GLU A 31 27.23 24.37 -4.37
C GLU A 31 26.25 25.39 -4.95
N ASN A 32 25.50 24.97 -5.97
CA ASN A 32 24.50 25.86 -6.56
C ASN A 32 23.41 26.23 -5.55
N ALA A 33 22.99 25.29 -4.70
CA ALA A 33 21.94 25.63 -3.72
C ALA A 33 22.44 26.68 -2.72
N LYS A 34 23.68 26.51 -2.25
CA LYS A 34 24.28 27.52 -1.38
C LYS A 34 24.28 28.88 -2.06
N ARG A 35 24.72 28.92 -3.33
CA ARG A 35 24.73 30.18 -4.06
C ARG A 35 23.33 30.74 -4.26
N LEU A 36 22.36 29.87 -4.53
CA LEU A 36 20.99 30.31 -4.70
C LEU A 36 20.52 31.08 -3.48
N TYR A 37 20.91 30.62 -2.29
CA TYR A 37 20.49 31.34 -1.09
C TYR A 37 21.32 32.61 -0.86
N ASP A 38 22.65 32.48 -0.93
CA ASP A 38 23.51 33.57 -0.47
C ASP A 38 23.46 34.78 -1.42
N SER A 39 23.37 34.53 -2.72
CA SER A 39 23.22 35.59 -3.72
C SER A 39 21.88 36.32 -3.63
N GLY A 40 20.93 35.80 -2.84
CA GLY A 40 19.60 36.36 -2.83
C GLY A 40 18.73 35.97 -4.00
N ASP A 41 19.26 35.17 -4.95
CA ASP A 41 18.45 34.72 -6.09
C ASP A 41 17.19 34.00 -5.63
N ILE A 42 17.26 33.27 -4.53
CA ILE A 42 16.10 32.54 -4.04
C ILE A 42 14.94 33.48 -3.79
N ASP A 43 15.22 34.74 -3.46
CA ASP A 43 14.18 35.70 -3.11
C ASP A 43 13.57 36.38 -4.34
N ARG A 44 14.10 36.12 -5.54
CA ARG A 44 13.63 36.75 -6.76
C ARG A 44 12.83 35.81 -7.65
N ILE A 45 12.41 34.66 -7.14
CA ILE A 45 11.77 33.62 -7.95
C ILE A 45 10.26 33.72 -7.76
N GLU A 46 9.52 33.50 -8.85
CA GLU A 46 8.08 33.37 -8.74
C GLU A 46 7.74 32.21 -7.81
N VAL A 47 6.81 32.44 -6.89
CA VAL A 47 6.49 31.48 -5.83
C VAL A 47 5.28 30.66 -6.23
N GLY A 48 5.38 29.34 -6.10
CA GLY A 48 4.19 28.51 -6.22
C GLY A 48 3.72 28.21 -7.62
N THR A 49 4.59 28.37 -8.61
CA THR A 49 4.25 28.14 -10.01
C THR A 49 5.29 27.20 -10.61
N PHE A 50 4.93 26.59 -11.73
CA PHE A 50 5.91 25.76 -12.40
C PHE A 50 7.09 26.60 -12.88
N LYS A 51 6.85 27.87 -13.24
CA LYS A 51 7.94 28.74 -13.66
C LYS A 51 9.01 28.83 -12.57
N GLY A 52 8.58 29.03 -11.32
CA GLY A 52 9.52 29.12 -10.22
C GLY A 52 10.21 27.80 -9.93
N LEU A 53 9.44 26.70 -9.97
CA LEU A 53 10.03 25.39 -9.76
C LEU A 53 11.09 25.09 -10.82
N SER A 54 10.78 25.41 -12.08
CA SER A 54 11.72 25.23 -13.19
C SER A 54 12.96 26.05 -12.97
N TYR A 55 12.80 27.28 -12.48
CA TYR A 55 13.97 28.11 -12.19
C TYR A 55 14.86 27.41 -11.17
N ILE A 56 14.26 26.89 -10.09
CA ILE A 56 15.03 26.21 -9.05
C ILE A 56 15.77 25.00 -9.63
N HIS A 57 15.06 24.16 -10.38
CA HIS A 57 15.64 22.92 -10.89
C HIS A 57 16.80 23.21 -11.86
N ASN A 58 16.59 24.17 -12.77
CA ASN A 58 17.68 24.58 -13.65
C ASN A 58 18.86 25.09 -12.85
N TYR A 59 18.61 25.92 -11.83
CA TYR A 59 19.68 26.48 -11.01
C TYR A 59 20.50 25.39 -10.34
N LEU A 60 19.84 24.37 -9.81
CA LEU A 60 20.58 23.30 -9.16
C LEU A 60 21.34 22.47 -10.18
N PHE A 61 20.72 22.14 -11.30
CA PHE A 61 21.20 21.01 -12.07
C PHE A 61 21.73 21.35 -13.44
N GLU A 62 21.79 22.63 -13.83
CA GLU A 62 22.09 22.93 -15.24
C GLU A 62 23.51 22.54 -15.62
N ASP A 63 24.44 22.48 -14.67
CA ASP A 63 25.80 22.07 -14.97
C ASP A 63 25.89 20.59 -15.24
N ILE A 64 24.95 19.82 -14.70
CA ILE A 64 25.05 18.37 -14.74
C ILE A 64 24.20 17.77 -15.84
N TYR A 65 22.99 18.27 -16.04
CA TYR A 65 22.04 17.65 -16.95
C TYR A 65 21.52 18.66 -17.95
N GLU A 66 21.41 18.22 -19.21
CA GLU A 66 20.86 19.07 -20.26
C GLU A 66 19.37 19.35 -20.04
N PHE A 67 18.62 18.40 -19.50
CA PHE A 67 17.19 18.57 -19.27
C PHE A 67 16.84 19.45 -18.07
N ALA A 68 17.82 20.07 -17.42
CA ALA A 68 17.52 20.80 -16.19
C ALA A 68 16.49 21.90 -16.46
N GLY A 69 15.48 21.98 -15.61
CA GLY A 69 14.43 22.97 -15.71
C GLY A 69 13.37 22.72 -16.77
N LYS A 70 13.48 21.63 -17.53
CA LYS A 70 12.58 21.35 -18.64
C LYS A 70 11.64 20.20 -18.29
N VAL A 71 10.39 20.27 -18.76
CA VAL A 71 9.46 19.16 -18.55
C VAL A 71 9.97 17.95 -19.30
N ARG A 72 9.95 16.80 -18.63
CA ARG A 72 10.41 15.56 -19.23
C ARG A 72 9.50 15.15 -20.39
N SER A 73 10.03 14.26 -21.24
CA SER A 73 9.26 13.73 -22.36
C SER A 73 8.93 12.26 -22.20
N GLN A 74 9.59 11.56 -21.28
CA GLN A 74 9.37 10.15 -21.04
C GLN A 74 8.69 9.98 -19.70
N ASN A 75 8.05 8.84 -19.50
CA ASN A 75 7.50 8.55 -18.21
C ASN A 75 8.61 8.20 -17.23
N ILE A 76 8.33 8.38 -15.96
CA ILE A 76 9.24 7.96 -14.90
C ILE A 76 8.44 7.02 -14.00
N SER A 77 9.13 5.99 -13.47
CA SER A 77 8.44 4.99 -12.65
C SER A 77 9.31 4.77 -11.42
N LYS A 78 8.73 5.06 -10.26
CA LYS A 78 9.43 5.00 -8.98
C LYS A 78 8.44 4.75 -7.84
N GLY A 79 8.71 3.75 -7.02
CA GLY A 79 7.89 3.44 -5.84
C GLY A 79 6.47 2.95 -6.11
N ASN A 80 5.57 3.27 -5.19
CA ASN A 80 4.24 2.65 -5.16
C ASN A 80 3.09 3.47 -5.72
N PHE A 81 3.32 4.61 -6.35
CA PHE A 81 2.20 5.26 -7.05
C PHE A 81 2.72 5.85 -8.35
N ARG A 82 1.82 5.95 -9.33
CA ARG A 82 2.19 6.45 -10.64
C ARG A 82 2.28 7.97 -10.59
N PHE A 83 3.43 8.48 -11.00
CA PHE A 83 3.57 9.89 -11.29
C PHE A 83 2.79 10.22 -12.55
N ALA A 84 2.59 11.50 -12.81
CA ALA A 84 1.85 11.88 -13.99
C ALA A 84 2.58 11.38 -15.24
N PRO A 85 1.89 10.71 -16.16
CA PRO A 85 2.52 10.40 -17.45
C PRO A 85 2.62 11.64 -18.31
N VAL A 86 3.62 11.65 -19.20
CA VAL A 86 3.91 12.82 -20.03
C VAL A 86 2.65 13.38 -20.68
N MET A 87 1.76 12.49 -21.12
CA MET A 87 0.61 12.94 -21.89
C MET A 87 -0.31 13.84 -21.08
N TYR A 88 -0.24 13.78 -19.74
CA TYR A 88 -1.06 14.64 -18.90
C TYR A 88 -0.32 15.86 -18.37
N LEU A 89 0.98 15.94 -18.58
CA LEU A 89 1.83 16.79 -17.76
C LEU A 89 1.48 18.27 -17.94
N GLU A 90 1.30 18.71 -19.19
CA GLU A 90 0.99 20.10 -19.46
C GLU A 90 -0.32 20.51 -18.80
N ILE A 91 -1.34 19.66 -18.89
CA ILE A 91 -2.60 19.93 -18.20
C ILE A 91 -2.37 20.00 -16.70
N ALA A 92 -1.61 19.03 -16.17
CA ALA A 92 -1.39 18.95 -14.73
C ALA A 92 -0.71 20.20 -14.20
N LEU A 93 0.33 20.68 -14.89
CA LEU A 93 1.08 21.84 -14.42
C LEU A 93 0.26 23.11 -14.53
N GLU A 94 -0.53 23.25 -15.60
CA GLU A 94 -1.42 24.41 -15.70
C GLU A 94 -2.45 24.40 -14.56
N HIS A 95 -3.02 23.23 -14.26
CA HIS A 95 -3.92 23.08 -13.11
C HIS A 95 -3.22 23.47 -11.81
N ILE A 96 -1.99 22.97 -11.60
CA ILE A 96 -1.24 23.25 -10.37
C ILE A 96 -0.95 24.73 -10.24
N ASP A 97 -0.61 25.39 -11.35
CA ASP A 97 -0.42 26.84 -11.30
C ASP A 97 -1.67 27.55 -10.79
N LYS A 98 -2.86 26.99 -11.09
CA LYS A 98 -4.09 27.66 -10.65
C LYS A 98 -4.57 27.23 -9.26
N MET A 99 -3.92 26.28 -8.59
CA MET A 99 -4.38 25.87 -7.27
C MET A 99 -4.11 26.96 -6.23
N PRO A 100 -4.98 27.10 -5.23
CA PRO A 100 -4.79 28.13 -4.20
C PRO A 100 -3.72 27.76 -3.19
N GLN A 101 -3.25 28.76 -2.44
CA GLN A 101 -2.18 28.55 -1.47
C GLN A 101 -2.38 29.47 -0.27
N ARG A 102 -3.62 29.57 0.23
CA ARG A 102 -3.93 30.54 1.28
C ARG A 102 -3.54 30.05 2.67
N ASN A 103 -3.69 28.75 2.94
CA ASN A 103 -3.46 28.16 4.26
C ASN A 103 -2.67 26.87 4.10
N LEU A 104 -2.37 26.23 5.24
CA LEU A 104 -1.52 25.05 5.22
C LEU A 104 -2.18 23.92 4.46
N ASP A 105 -3.51 23.77 4.62
CA ASP A 105 -4.24 22.72 3.89
C ASP A 105 -4.07 22.86 2.39
N GLU A 106 -4.27 24.07 1.86
CA GLU A 106 -4.14 24.27 0.42
C GLU A 106 -2.70 24.19 -0.04
N ILE A 107 -1.74 24.63 0.79
CA ILE A 107 -0.33 24.55 0.41
C ILE A 107 0.13 23.09 0.36
N VAL A 108 -0.28 22.30 1.35
CA VAL A 108 0.04 20.88 1.34
C VAL A 108 -0.62 20.18 0.16
N ALA A 109 -1.90 20.48 -0.11
CA ALA A 109 -2.55 19.84 -1.27
C ALA A 109 -1.81 20.18 -2.57
N LYS A 110 -1.37 21.42 -2.71
CA LYS A 110 -0.63 21.84 -3.89
C LYS A 110 0.72 21.10 -3.97
N TYR A 111 1.42 21.02 -2.85
CA TYR A 111 2.68 20.29 -2.79
C TYR A 111 2.52 18.84 -3.18
N VAL A 112 1.45 18.19 -2.70
CA VAL A 112 1.15 16.80 -3.05
C VAL A 112 0.95 16.65 -4.55
N GLU A 113 0.20 17.58 -5.16
CA GLU A 113 -0.03 17.49 -6.59
C GLU A 113 1.26 17.73 -7.40
N MET A 114 2.12 18.65 -6.96
CA MET A 114 3.35 18.86 -7.72
C MET A 114 4.28 17.67 -7.56
N ASN A 115 4.25 17.03 -6.38
CA ASN A 115 5.03 15.82 -6.20
C ASN A 115 4.53 14.71 -7.13
N ILE A 116 3.20 14.60 -7.29
CA ILE A 116 2.67 13.63 -8.24
C ILE A 116 3.08 13.98 -9.67
N ALA A 117 3.07 15.27 -10.01
CA ALA A 117 3.43 15.69 -11.36
C ALA A 117 4.87 15.32 -11.70
N ALA A 118 5.79 15.50 -10.74
CA ALA A 118 7.21 15.19 -10.91
C ALA A 118 7.68 15.57 -12.32
N PRO A 119 7.60 16.85 -12.70
CA PRO A 119 7.73 17.19 -14.12
C PRO A 119 9.11 17.01 -14.68
N PHE A 120 10.15 16.91 -13.86
CA PHE A 120 11.49 16.79 -14.45
C PHE A 120 11.92 15.33 -14.51
N ARG A 121 12.92 15.08 -15.35
CA ARG A 121 13.44 13.74 -15.50
C ARG A 121 14.02 13.21 -14.19
N GLU A 122 14.71 14.06 -13.43
CA GLU A 122 15.24 13.66 -12.15
C GLU A 122 15.36 14.90 -11.27
N GLY A 123 15.60 14.71 -9.98
CA GLY A 123 15.74 15.86 -9.12
C GLY A 123 14.44 16.49 -8.66
N ASN A 124 13.29 15.85 -8.91
CA ASN A 124 12.01 16.44 -8.53
C ASN A 124 11.93 16.70 -7.03
N GLY A 125 12.38 15.75 -6.21
CA GLY A 125 12.15 15.88 -4.77
C GLY A 125 12.87 17.07 -4.17
N ARG A 126 14.14 17.26 -4.53
CA ARG A 126 14.94 18.31 -3.92
C ARG A 126 14.46 19.69 -4.35
N ALA A 127 14.22 19.86 -5.66
CA ALA A 127 13.74 21.14 -6.16
C ALA A 127 12.39 21.48 -5.55
N THR A 128 11.49 20.50 -5.50
CA THR A 128 10.14 20.77 -5.00
C THR A 128 10.13 21.05 -3.50
N ARG A 129 11.07 20.49 -2.72
CA ARG A 129 11.13 20.88 -1.30
C ARG A 129 11.56 22.34 -1.13
N ILE A 130 12.52 22.81 -1.96
CA ILE A 130 12.88 24.24 -1.92
C ILE A 130 11.67 25.10 -2.30
N TRP A 131 10.99 24.70 -3.37
CA TRP A 131 9.78 25.38 -3.83
C TRP A 131 8.72 25.46 -2.71
N LEU A 132 8.55 24.35 -1.98
CA LEU A 132 7.54 24.33 -0.91
C LEU A 132 7.90 25.32 0.18
N ASP A 133 9.17 25.35 0.57
CA ASP A 133 9.54 26.31 1.60
C ASP A 133 9.25 27.73 1.16
N LEU A 134 9.38 28.03 -0.14
CA LEU A 134 9.08 29.39 -0.57
C LEU A 134 7.58 29.71 -0.48
N ILE A 135 6.72 28.75 -0.81
CA ILE A 135 5.28 28.99 -0.65
C ILE A 135 4.94 29.24 0.82
N LEU A 136 5.49 28.41 1.71
CA LEU A 136 5.25 28.59 3.14
C LEU A 136 5.75 29.95 3.62
N LYS A 137 6.93 30.37 3.15
CA LYS A 137 7.49 31.64 3.58
C LYS A 137 6.62 32.80 3.16
N LYS A 138 6.10 32.77 1.92
CA LYS A 138 5.28 33.88 1.44
C LYS A 138 3.92 33.93 2.12
N GLU A 139 3.27 32.79 2.30
CA GLU A 139 1.86 32.78 2.69
C GLU A 139 1.63 32.61 4.18
N LEU A 140 2.55 31.98 4.90
CA LEU A 140 2.40 31.76 6.34
C LEU A 140 3.53 32.34 7.17
N LYS A 141 4.55 32.95 6.55
CA LYS A 141 5.73 33.42 7.27
C LYS A 141 6.34 32.30 8.11
N ARG A 142 6.40 31.11 7.52
CA ARG A 142 7.05 29.96 8.13
C ARG A 142 7.88 29.25 7.07
N VAL A 143 8.93 28.57 7.52
CA VAL A 143 9.61 27.58 6.71
C VAL A 143 9.56 26.26 7.49
N VAL A 144 9.96 25.19 6.83
CA VAL A 144 10.06 23.88 7.47
C VAL A 144 11.44 23.77 8.08
N ASP A 145 11.49 23.43 9.38
CA ASP A 145 12.71 22.96 10.03
C ASP A 145 12.84 21.48 9.74
N TRP A 146 13.64 21.13 8.72
CA TRP A 146 13.69 19.75 8.24
C TRP A 146 14.33 18.83 9.25
N ASN A 147 15.03 19.38 10.24
CA ASN A 147 15.59 18.53 11.28
C ASN A 147 14.50 17.97 12.19
N LEU A 148 13.27 18.47 12.09
CA LEU A 148 12.14 17.98 12.87
C LEU A 148 11.32 16.97 12.08
N ILE A 149 11.83 16.53 10.92
CA ILE A 149 11.15 15.53 10.11
C ILE A 149 12.13 14.40 9.84
N ASN A 150 11.85 13.26 10.44
CA ASN A 150 12.60 12.03 10.25
C ASN A 150 12.47 11.52 8.81
N LYS A 151 13.55 10.92 8.29
CA LYS A 151 13.56 10.45 6.90
C LYS A 151 12.51 9.37 6.67
N GLU A 152 12.47 8.35 7.52
CA GLU A 152 11.51 7.26 7.33
C GLU A 152 10.08 7.80 7.37
N ASP A 153 9.80 8.69 8.32
CA ASP A 153 8.47 9.31 8.42
C ASP A 153 8.16 10.12 7.17
N TYR A 154 9.12 10.90 6.71
CA TYR A 154 8.89 11.72 5.52
C TYR A 154 8.57 10.84 4.33
N LEU A 155 9.39 9.83 4.06
CA LEU A 155 9.16 8.99 2.88
C LEU A 155 7.82 8.28 2.96
N SER A 156 7.51 7.69 4.12
CA SER A 156 6.22 7.03 4.28
C SER A 156 5.08 8.01 4.04
N ALA A 157 5.18 9.20 4.61
CA ALA A 157 4.10 10.15 4.43
C ALA A 157 3.95 10.59 2.97
N MET A 158 5.08 10.79 2.25
CA MET A 158 4.95 11.19 0.85
C MET A 158 4.31 10.09 0.03
N GLU A 159 4.71 8.84 0.25
CA GLU A 159 4.08 7.75 -0.48
C GLU A 159 2.60 7.67 -0.17
N ARG A 160 2.20 8.00 1.07
CA ARG A 160 0.76 7.95 1.39
C ARG A 160 0.00 9.12 0.79
N SER A 161 0.65 10.26 0.56
CA SER A 161 -0.08 11.50 0.27
C SER A 161 -1.01 11.47 -0.95
N PRO A 162 -0.73 10.76 -2.05
CA PRO A 162 -1.72 10.76 -3.14
C PRO A 162 -3.06 10.24 -2.70
N VAL A 163 -3.10 9.35 -1.69
CA VAL A 163 -4.37 8.90 -1.13
C VAL A 163 -4.87 9.87 -0.08
N LYS A 164 -4.03 10.21 0.90
CA LYS A 164 -4.42 11.07 2.03
C LYS A 164 -3.20 11.84 2.51
N ASP A 165 -3.29 13.17 2.49
CA ASP A 165 -2.12 13.99 2.78
C ASP A 165 -2.01 14.34 4.25
N LEU A 166 -2.79 13.66 5.10
CA LEU A 166 -2.80 13.97 6.52
C LEU A 166 -1.43 13.76 7.15
N GLU A 167 -0.76 12.66 6.80
CA GLU A 167 0.54 12.36 7.41
C GLU A 167 1.59 13.41 7.06
N ILE A 168 1.66 13.80 5.78
CA ILE A 168 2.63 14.82 5.40
C ILE A 168 2.23 16.17 5.96
N LYS A 169 0.93 16.48 5.97
CA LYS A 169 0.48 17.74 6.58
C LYS A 169 0.93 17.81 8.03
N TYR A 170 0.80 16.71 8.77
CA TYR A 170 1.16 16.68 10.18
C TYR A 170 2.66 16.87 10.36
N LEU A 171 3.47 16.15 9.58
CA LEU A 171 4.92 16.34 9.71
C LEU A 171 5.32 17.78 9.43
N ILE A 172 4.74 18.36 8.37
CA ILE A 172 5.09 19.72 7.97
C ILE A 172 4.68 20.71 9.06
N SER A 173 3.41 20.67 9.48
CA SER A 173 2.95 21.65 10.46
C SER A 173 3.72 21.55 11.77
N ASN A 174 4.05 20.33 12.21
CA ASN A 174 4.78 20.29 13.47
C ASN A 174 6.25 20.65 13.30
N ALA A 175 6.73 20.79 12.06
CA ALA A 175 8.08 21.28 11.86
C ALA A 175 8.13 22.77 11.49
N LEU A 176 7.01 23.47 11.43
CA LEU A 176 7.03 24.87 11.01
C LEU A 176 7.79 25.74 12.02
N THR A 177 8.70 26.56 11.50
CA THR A 177 9.40 27.56 12.31
C THR A 177 9.26 28.93 11.66
N ASP A 178 9.30 29.96 12.48
CA ASP A 178 9.21 31.33 12.02
C ASP A 178 10.56 31.93 11.65
N LYS A 179 11.65 31.17 11.79
CA LYS A 179 12.98 31.67 11.40
C LYS A 179 13.14 31.59 9.87
N ILE A 180 12.32 32.39 9.18
CA ILE A 180 12.23 32.33 7.73
C ILE A 180 13.39 32.99 7.00
N ASN A 181 14.29 33.67 7.72
CA ASN A 181 15.49 34.21 7.10
C ASN A 181 16.75 33.62 7.71
N ASP A 182 16.60 32.55 8.49
CA ASP A 182 17.72 31.88 9.13
C ASP A 182 18.50 31.08 8.10
N ARG A 183 19.74 31.49 7.84
CA ARG A 183 20.55 30.79 6.85
C ARG A 183 20.79 29.34 7.26
N GLU A 184 20.98 29.09 8.56
CA GLU A 184 21.40 27.75 8.98
C GLU A 184 20.26 26.74 8.82
N ILE A 185 19.02 27.16 9.06
CA ILE A 185 17.85 26.32 8.83
C ILE A 185 17.76 25.93 7.36
N PHE A 186 18.01 26.90 6.47
CA PHE A 186 17.99 26.59 5.04
C PHE A 186 19.08 25.58 4.70
N MET A 187 20.30 25.83 5.19
CA MET A 187 21.42 24.99 4.78
C MET A 187 21.29 23.57 5.32
N LYS A 188 20.93 23.43 6.60
CA LYS A 188 20.69 22.08 7.12
C LYS A 188 19.53 21.44 6.38
N GLY A 189 18.51 22.23 6.03
CA GLY A 189 17.43 21.72 5.22
C GLY A 189 17.90 21.17 3.87
N ILE A 190 18.90 21.81 3.26
CA ILE A 190 19.43 21.28 2.01
C ILE A 190 20.11 19.93 2.25
N ASP A 191 20.95 19.84 3.29
CA ASP A 191 21.63 18.58 3.55
C ASP A 191 20.61 17.47 3.85
N ILE A 192 19.57 17.79 4.62
CA ILE A 192 18.56 16.78 4.95
C ILE A 192 17.79 16.36 3.70
N SER A 193 17.41 17.34 2.87
CA SER A 193 16.66 17.02 1.66
C SER A 193 17.45 16.08 0.77
N TYR A 194 18.77 16.28 0.68
CA TYR A 194 19.58 15.33 -0.07
C TYR A 194 19.70 13.98 0.63
N TYR A 195 19.71 13.98 1.96
CA TYR A 195 19.76 12.71 2.70
C TYR A 195 18.48 11.90 2.47
N TYR A 196 17.32 12.57 2.38
CA TYR A 196 16.07 11.87 2.08
C TYR A 196 16.20 11.03 0.81
N GLU A 197 17.00 11.49 -0.17
CA GLU A 197 17.19 10.81 -1.45
C GLU A 197 18.45 9.96 -1.49
N GLY A 198 19.19 9.88 -0.39
CA GLY A 198 20.34 9.00 -0.33
C GLY A 198 21.68 9.64 -0.67
N TYR A 199 21.78 10.97 -0.65
CA TYR A 199 23.04 11.67 -0.94
C TYR A 199 23.59 12.28 0.34
N THR A 200 24.76 11.78 0.81
CA THR A 200 25.30 12.23 2.09
C THR A 200 26.82 12.47 2.08
N GLU A 201 27.43 12.62 0.92
CA GLU A 201 28.89 12.74 0.89
C GLU A 201 29.41 14.13 1.25
N TYR A 202 28.58 15.17 1.17
CA TYR A 202 29.04 16.52 1.45
C TYR A 202 28.11 17.21 2.43
N ASN A 203 28.64 18.25 3.06
CA ASN A 203 27.85 19.19 3.86
C ASN A 203 27.83 20.52 3.13
N VAL A 204 26.63 21.06 2.90
CA VAL A 204 26.50 22.20 2.00
C VAL A 204 27.30 23.40 2.49
N ASP A 205 27.30 23.66 3.81
CA ASP A 205 28.02 24.84 4.31
C ASP A 205 29.53 24.69 4.20
N GLU A 206 30.04 23.47 4.07
CA GLU A 206 31.46 23.25 3.83
C GLU A 206 31.84 23.33 2.35
N LEU A 207 30.89 23.56 1.45
CA LEU A 207 31.20 23.65 0.03
C LEU A 207 31.45 25.11 -0.38
N GLU B 10 -23.53 -20.62 7.92
CA GLU B 10 -23.58 -21.52 9.06
C GLU B 10 -23.97 -20.82 10.36
N ASN B 11 -25.22 -21.04 10.81
CA ASN B 11 -25.77 -20.24 11.89
C ASN B 11 -26.78 -21.04 12.72
N LYS B 12 -27.22 -20.42 13.83
CA LYS B 12 -28.14 -21.08 14.78
C LYS B 12 -29.55 -21.23 14.22
N LEU B 13 -30.02 -20.25 13.46
CA LEU B 13 -31.21 -20.54 12.68
C LEU B 13 -30.77 -21.38 11.47
N GLY B 14 -31.72 -21.90 10.72
CA GLY B 14 -31.28 -22.71 9.61
C GLY B 14 -31.11 -21.94 8.33
N ILE B 15 -30.64 -20.69 8.36
CA ILE B 15 -30.75 -19.83 7.18
C ILE B 15 -29.64 -20.20 6.21
N ILE B 16 -30.03 -20.47 4.98
CA ILE B 16 -29.14 -20.94 3.91
C ILE B 16 -28.88 -19.87 2.87
N ASN B 17 -29.56 -18.72 2.94
CA ASN B 17 -29.35 -17.63 1.98
C ASN B 17 -28.62 -16.49 2.68
N GLN B 18 -27.52 -16.03 2.07
CA GLN B 18 -26.69 -15.03 2.72
C GLN B 18 -27.39 -13.68 2.85
N LEU B 19 -28.15 -13.26 1.83
CA LEU B 19 -28.84 -11.98 1.92
C LEU B 19 -29.95 -12.01 2.97
N GLU B 20 -30.59 -13.18 3.15
CA GLU B 20 -31.57 -13.35 4.21
C GLU B 20 -30.93 -13.31 5.59
N LEU B 21 -29.83 -14.06 5.76
CA LEU B 21 -29.12 -14.05 7.04
C LEU B 21 -28.67 -12.65 7.39
N ASN B 22 -28.22 -11.87 6.42
CA ASN B 22 -27.76 -10.51 6.71
C ASN B 22 -28.87 -9.68 7.32
N ARG B 23 -30.10 -9.81 6.79
CA ARG B 23 -31.23 -9.05 7.29
C ARG B 23 -31.54 -9.41 8.73
N VAL B 24 -31.68 -10.71 9.00
CA VAL B 24 -32.05 -11.08 10.36
C VAL B 24 -30.90 -10.84 11.35
N GLU B 25 -29.66 -11.13 10.95
CA GLU B 25 -28.52 -10.82 11.80
C GLU B 25 -28.52 -9.35 12.19
N GLU B 26 -28.75 -8.46 11.22
CA GLU B 26 -28.83 -7.05 11.58
C GLU B 26 -29.92 -6.79 12.61
N ARG B 27 -31.15 -7.26 12.36
CA ARG B 27 -32.23 -6.85 13.25
C ARG B 27 -32.08 -7.46 14.65
N VAL B 28 -31.81 -8.76 14.72
CA VAL B 28 -31.68 -9.43 16.03
C VAL B 28 -30.52 -8.84 16.82
N SER B 29 -29.33 -8.74 16.18
CA SER B 29 -28.17 -8.30 16.94
C SER B 29 -28.34 -6.85 17.36
N LYS B 30 -29.00 -6.04 16.52
CA LYS B 30 -29.29 -4.67 16.92
C LYS B 30 -30.27 -4.62 18.09
N GLU B 31 -31.25 -5.54 18.13
CA GLU B 31 -32.10 -5.63 19.32
C GLU B 31 -31.25 -5.91 20.56
N ASN B 32 -30.31 -6.86 20.44
CA ASN B 32 -29.44 -7.16 21.57
C ASN B 32 -28.61 -5.94 21.96
N ALA B 33 -28.18 -5.13 20.99
CA ALA B 33 -27.43 -3.92 21.31
C ALA B 33 -28.29 -2.89 22.04
N LYS B 34 -29.52 -2.71 21.57
CA LYS B 34 -30.47 -1.82 22.25
C LYS B 34 -30.64 -2.25 23.70
N ARG B 35 -30.86 -3.55 23.92
CA ARG B 35 -31.04 -4.04 25.28
C ARG B 35 -29.77 -3.85 26.10
N LEU B 36 -28.61 -4.08 25.48
CA LEU B 36 -27.35 -3.90 26.16
C LEU B 36 -27.24 -2.50 26.74
N TYR B 37 -27.68 -1.48 25.98
CA TYR B 37 -27.59 -0.14 26.55
C TYR B 37 -28.69 0.11 27.60
N ASP B 38 -29.95 -0.21 27.25
CA ASP B 38 -31.07 0.24 28.08
C ASP B 38 -31.15 -0.52 29.39
N SER B 39 -30.81 -1.81 29.40
CA SER B 39 -30.73 -2.58 30.63
C SER B 39 -29.61 -2.10 31.56
N GLY B 40 -28.71 -1.25 31.07
CA GLY B 40 -27.55 -0.86 31.85
C GLY B 40 -26.49 -1.92 31.98
N ASP B 41 -26.69 -3.11 31.39
CA ASP B 41 -25.68 -4.15 31.45
C ASP B 41 -24.35 -3.67 30.86
N ILE B 42 -24.40 -2.76 29.88
CA ILE B 42 -23.18 -2.28 29.22
C ILE B 42 -22.25 -1.64 30.22
N ASP B 43 -22.77 -1.11 31.33
CA ASP B 43 -21.94 -0.41 32.30
C ASP B 43 -21.31 -1.35 33.33
N ARG B 44 -21.63 -2.64 33.33
CA ARG B 44 -21.01 -3.52 34.29
C ARG B 44 -20.09 -4.54 33.65
N ILE B 45 -19.59 -4.24 32.45
CA ILE B 45 -18.67 -5.15 31.76
C ILE B 45 -17.27 -4.61 31.96
N GLU B 46 -16.32 -5.53 32.09
CA GLU B 46 -14.93 -5.14 32.19
C GLU B 46 -14.54 -4.28 30.99
N VAL B 47 -13.83 -3.20 31.25
CA VAL B 47 -13.46 -2.22 30.23
C VAL B 47 -12.04 -2.54 29.74
N GLY B 48 -11.86 -2.57 28.43
CA GLY B 48 -10.53 -2.63 27.84
C GLY B 48 -9.84 -3.96 27.85
N THR B 49 -10.55 -5.06 28.04
CA THR B 49 -9.93 -6.37 28.09
C THR B 49 -10.62 -7.27 27.10
N PHE B 50 -9.98 -8.40 26.77
CA PHE B 50 -10.66 -9.34 25.89
C PHE B 50 -11.91 -9.92 26.55
N LYS B 51 -11.87 -10.19 27.85
CA LYS B 51 -13.07 -10.65 28.55
C LYS B 51 -14.25 -9.73 28.28
N GLY B 52 -14.03 -8.42 28.39
CA GLY B 52 -15.11 -7.48 28.12
C GLY B 52 -15.57 -7.51 26.67
N LEU B 53 -14.62 -7.59 25.71
CA LEU B 53 -14.97 -7.67 24.29
C LEU B 53 -15.78 -8.93 23.99
N SER B 54 -15.35 -10.06 24.54
CA SER B 54 -16.07 -11.32 24.40
C SER B 54 -17.49 -11.21 24.98
N TYR B 55 -17.63 -10.53 26.11
CA TYR B 55 -18.98 -10.32 26.65
C TYR B 55 -19.83 -9.51 25.67
N ILE B 56 -19.26 -8.44 25.10
CA ILE B 56 -20.00 -7.65 24.11
C ILE B 56 -20.38 -8.51 22.90
N HIS B 57 -19.42 -9.25 22.38
CA HIS B 57 -19.65 -10.01 21.16
C HIS B 57 -20.71 -11.08 21.39
N ASN B 58 -20.60 -11.82 22.50
CA ASN B 58 -21.60 -12.82 22.81
C ASN B 58 -22.98 -12.19 22.95
N TYR B 59 -23.06 -11.07 23.68
CA TYR B 59 -24.35 -10.39 23.85
C TYR B 59 -24.98 -10.05 22.50
N LEU B 60 -24.18 -9.56 21.56
CA LEU B 60 -24.72 -9.22 20.24
C LEU B 60 -25.14 -10.45 19.45
N PHE B 61 -24.35 -11.51 19.49
CA PHE B 61 -24.44 -12.52 18.45
C PHE B 61 -24.79 -13.92 18.95
N GLU B 62 -25.07 -14.10 20.24
CA GLU B 62 -25.29 -15.46 20.74
C GLU B 62 -26.57 -16.04 20.16
N ASP B 63 -27.55 -15.20 19.79
CA ASP B 63 -28.77 -15.73 19.19
C ASP B 63 -28.58 -16.20 17.75
N ILE B 64 -27.67 -15.59 17.01
CA ILE B 64 -27.50 -15.88 15.59
C ILE B 64 -26.37 -16.86 15.34
N TYR B 65 -25.28 -16.74 16.09
CA TYR B 65 -24.10 -17.56 15.86
C TYR B 65 -23.67 -18.32 17.09
N GLU B 66 -23.28 -19.57 16.90
CA GLU B 66 -22.54 -20.27 17.94
C GLU B 66 -21.20 -19.53 18.00
N PHE B 67 -20.19 -20.12 18.64
CA PHE B 67 -18.88 -19.47 18.76
C PHE B 67 -18.92 -17.97 19.13
N ALA B 68 -20.09 -17.42 19.42
CA ALA B 68 -20.19 -16.02 19.80
C ALA B 68 -19.41 -15.81 21.10
N GLY B 69 -18.60 -14.76 21.14
CA GLY B 69 -17.78 -14.50 22.30
C GLY B 69 -16.56 -15.41 22.43
N LYS B 70 -16.37 -16.32 21.50
CA LYS B 70 -15.31 -17.32 21.58
C LYS B 70 -14.20 -17.02 20.57
N VAL B 71 -12.96 -17.30 20.97
CA VAL B 71 -11.81 -17.07 20.09
C VAL B 71 -11.95 -17.94 18.86
N ARG B 72 -11.72 -17.34 17.69
CA ARG B 72 -11.84 -18.09 16.44
C ARG B 72 -10.78 -19.19 16.39
N SER B 73 -11.01 -20.15 15.49
CA SER B 73 -10.12 -21.30 15.37
C SER B 73 -9.32 -21.35 14.08
N GLN B 74 -9.72 -20.62 13.05
CA GLN B 74 -8.98 -20.53 11.79
C GLN B 74 -8.61 -19.08 11.48
N ASN B 75 -7.71 -18.91 10.53
CA ASN B 75 -7.36 -17.57 10.05
C ASN B 75 -8.54 -16.94 9.32
N ILE B 76 -8.55 -15.61 9.31
CA ILE B 76 -9.56 -14.82 8.62
C ILE B 76 -8.86 -13.82 7.71
N SER B 77 -9.59 -13.38 6.67
CA SER B 77 -9.04 -12.40 5.75
C SER B 77 -10.09 -11.32 5.45
N LYS B 78 -9.60 -10.12 5.12
CA LYS B 78 -10.45 -9.05 4.62
C LYS B 78 -9.58 -8.25 3.65
N GLY B 79 -9.81 -8.42 2.35
CA GLY B 79 -8.92 -7.72 1.44
C GLY B 79 -7.52 -8.23 1.67
N ASN B 80 -6.55 -7.31 1.67
CA ASN B 80 -5.16 -7.67 1.86
C ASN B 80 -4.72 -7.48 3.31
N PHE B 81 -5.65 -7.10 4.19
CA PHE B 81 -5.32 -6.85 5.59
C PHE B 81 -4.74 -8.10 6.24
N ARG B 82 -3.66 -7.92 6.98
CA ARG B 82 -2.96 -9.02 7.64
C ARG B 82 -3.43 -9.10 9.09
N PHE B 83 -4.52 -9.82 9.32
CA PHE B 83 -4.97 -10.07 10.69
C PHE B 83 -4.04 -11.06 11.38
N ALA B 84 -4.16 -11.11 12.71
CA ALA B 84 -3.32 -12.02 13.46
C ALA B 84 -3.64 -13.46 13.07
N PRO B 85 -2.64 -14.29 12.79
CA PRO B 85 -2.91 -15.71 12.59
C PRO B 85 -3.27 -16.40 13.89
N VAL B 86 -4.08 -17.45 13.76
CA VAL B 86 -4.61 -18.16 14.92
C VAL B 86 -3.51 -18.55 15.90
N MET B 87 -2.37 -19.01 15.39
CA MET B 87 -1.34 -19.53 16.28
C MET B 87 -0.77 -18.47 17.23
N TYR B 88 -0.88 -17.17 16.90
CA TYR B 88 -0.42 -16.09 17.77
C TYR B 88 -1.56 -15.47 18.60
N LEU B 89 -2.80 -15.88 18.37
CA LEU B 89 -3.95 -15.09 18.81
C LEU B 89 -3.98 -14.95 20.33
N GLU B 90 -3.78 -16.06 21.05
CA GLU B 90 -3.80 -15.97 22.50
C GLU B 90 -2.73 -15.02 22.99
N ILE B 91 -1.53 -15.10 22.41
CA ILE B 91 -0.46 -14.20 22.82
C ILE B 91 -0.89 -12.77 22.58
N ALA B 92 -1.50 -12.50 21.41
CA ALA B 92 -1.93 -11.14 21.10
C ALA B 92 -2.95 -10.68 22.14
N LEU B 93 -3.91 -11.52 22.46
CA LEU B 93 -4.96 -11.10 23.39
C LEU B 93 -4.38 -10.84 24.78
N GLU B 94 -3.44 -11.68 25.21
CA GLU B 94 -2.78 -11.41 26.49
C GLU B 94 -2.04 -10.09 26.44
N HIS B 95 -1.32 -9.85 25.34
CA HIS B 95 -0.62 -8.59 25.19
C HIS B 95 -1.59 -7.43 25.24
N ILE B 96 -2.71 -7.54 24.52
CA ILE B 96 -3.67 -6.44 24.49
C ILE B 96 -4.27 -6.20 25.88
N ASP B 97 -4.51 -7.28 26.64
CA ASP B 97 -5.01 -7.07 27.99
C ASP B 97 -4.07 -6.20 28.82
N LYS B 98 -2.76 -6.26 28.56
CA LYS B 98 -1.82 -5.45 29.34
C LYS B 98 -1.45 -4.11 28.70
N MET B 99 -1.97 -3.76 27.53
CA MET B 99 -1.60 -2.47 26.98
C MET B 99 -2.25 -1.36 27.81
N PRO B 100 -1.56 -0.24 28.00
CA PRO B 100 -2.12 0.86 28.80
C PRO B 100 -3.18 1.62 28.01
N GLN B 101 -3.92 2.46 28.73
CA GLN B 101 -5.02 3.21 28.12
C GLN B 101 -5.18 4.56 28.82
N ARG B 102 -4.06 5.24 29.06
CA ARG B 102 -4.06 6.46 29.88
C ARG B 102 -4.43 7.71 29.09
N ASN B 103 -4.12 7.76 27.79
CA ASN B 103 -4.45 8.91 26.98
C ASN B 103 -4.95 8.44 25.60
N LEU B 104 -5.27 9.40 24.74
CA LEU B 104 -5.85 9.06 23.45
C LEU B 104 -4.87 8.24 22.59
N ASP B 105 -3.57 8.55 22.65
CA ASP B 105 -2.58 7.82 21.85
C ASP B 105 -2.61 6.33 22.17
N GLU B 106 -2.55 6.01 23.47
CA GLU B 106 -2.46 4.63 23.91
C GLU B 106 -3.76 3.88 23.64
N ILE B 107 -4.89 4.59 23.73
CA ILE B 107 -6.18 3.98 23.49
C ILE B 107 -6.33 3.64 22.01
N VAL B 108 -5.98 4.58 21.15
CA VAL B 108 -6.04 4.28 19.72
C VAL B 108 -5.10 3.12 19.41
N ALA B 109 -3.88 3.13 19.96
CA ALA B 109 -2.95 2.03 19.68
C ALA B 109 -3.53 0.69 20.11
N LYS B 110 -4.20 0.67 21.26
CA LYS B 110 -4.82 -0.56 21.74
C LYS B 110 -5.93 -0.99 20.80
N TYR B 111 -6.74 -0.04 20.35
CA TYR B 111 -7.80 -0.32 19.40
C TYR B 111 -7.23 -0.90 18.10
N VAL B 112 -6.10 -0.35 17.63
CA VAL B 112 -5.44 -0.85 16.42
C VAL B 112 -4.93 -2.27 16.62
N GLU B 113 -4.33 -2.56 17.79
CA GLU B 113 -3.92 -3.95 18.03
C GLU B 113 -5.13 -4.89 18.08
N MET B 114 -6.25 -4.45 18.69
CA MET B 114 -7.40 -5.35 18.77
C MET B 114 -8.06 -5.55 17.40
N ASN B 115 -8.04 -4.52 16.54
CA ASN B 115 -8.50 -4.67 15.17
C ASN B 115 -7.62 -5.68 14.41
N ILE B 116 -6.30 -5.63 14.63
CA ILE B 116 -5.44 -6.64 14.01
C ILE B 116 -5.73 -8.02 14.57
N ALA B 117 -5.95 -8.11 15.89
CA ALA B 117 -6.20 -9.41 16.50
C ALA B 117 -7.47 -10.03 15.93
N ALA B 118 -8.51 -9.23 15.72
CA ALA B 118 -9.80 -9.65 15.17
C ALA B 118 -10.17 -11.05 15.67
N PRO B 119 -10.33 -11.22 16.99
CA PRO B 119 -10.33 -12.58 17.56
C PRO B 119 -11.55 -13.44 17.20
N PHE B 120 -12.67 -12.87 16.72
CA PHE B 120 -13.87 -13.66 16.43
C PHE B 120 -13.98 -14.02 14.95
N ARG B 121 -14.77 -15.05 14.66
CA ARG B 121 -14.98 -15.46 13.28
C ARG B 121 -15.62 -14.32 12.47
N GLU B 122 -16.58 -13.60 13.06
CA GLU B 122 -17.21 -12.45 12.44
C GLU B 122 -17.65 -11.49 13.54
N GLY B 123 -18.03 -10.28 13.14
CA GLY B 123 -18.52 -9.33 14.12
C GLY B 123 -17.45 -8.56 14.86
N ASN B 124 -16.19 -8.65 14.42
CA ASN B 124 -15.13 -7.94 15.14
C ASN B 124 -15.32 -6.44 15.09
N GLY B 125 -15.71 -5.90 13.94
CA GLY B 125 -15.73 -4.46 13.80
C GLY B 125 -16.76 -3.81 14.71
N ARG B 126 -17.95 -4.39 14.75
CA ARG B 126 -19.05 -3.82 15.53
C ARG B 126 -18.81 -4.00 17.03
N ALA B 127 -18.43 -5.22 17.44
CA ALA B 127 -18.15 -5.46 18.85
C ALA B 127 -17.02 -4.58 19.32
N THR B 128 -15.94 -4.50 18.53
CA THR B 128 -14.78 -3.73 18.95
C THR B 128 -15.06 -2.23 18.93
N ARG B 129 -15.93 -1.73 18.05
CA ARG B 129 -16.25 -0.31 18.17
C ARG B 129 -16.96 0.00 19.50
N ILE B 130 -17.86 -0.89 19.94
CA ILE B 130 -18.50 -0.68 21.26
C ILE B 130 -17.46 -0.70 22.38
N TRP B 131 -16.58 -1.71 22.35
CA TRP B 131 -15.47 -1.84 23.31
C TRP B 131 -14.60 -0.58 23.35
N LEU B 132 -14.31 0.01 22.19
CA LEU B 132 -13.52 1.23 22.14
C LEU B 132 -14.23 2.38 22.83
N ASP B 133 -15.53 2.55 22.54
CA ASP B 133 -16.26 3.64 23.18
C ASP B 133 -16.25 3.50 24.71
N LEU B 134 -16.32 2.27 25.22
CA LEU B 134 -16.27 2.10 26.68
C LEU B 134 -14.90 2.46 27.25
N ILE B 135 -13.82 2.12 26.54
CA ILE B 135 -12.49 2.52 27.01
C ILE B 135 -12.41 4.04 27.07
N LEU B 136 -12.86 4.70 26.00
CA LEU B 136 -12.83 6.16 25.98
C LEU B 136 -13.67 6.75 27.11
N LYS B 137 -14.85 6.19 27.35
CA LYS B 137 -15.71 6.73 28.39
C LYS B 137 -15.02 6.60 29.76
N LYS B 138 -14.44 5.44 30.03
CA LYS B 138 -13.81 5.25 31.33
C LYS B 138 -12.59 6.15 31.51
N GLU B 139 -11.77 6.30 30.47
CA GLU B 139 -10.46 6.91 30.66
C GLU B 139 -10.39 8.39 30.34
N LEU B 140 -11.22 8.86 29.41
CA LEU B 140 -11.21 10.25 29.01
C LEU B 140 -12.53 10.96 29.29
N LYS B 141 -13.55 10.24 29.77
CA LYS B 141 -14.92 10.76 29.87
C LYS B 141 -15.37 11.32 28.52
N ARG B 142 -15.09 10.57 27.44
CA ARG B 142 -15.57 10.91 26.11
C ARG B 142 -16.10 9.64 25.44
N VAL B 143 -17.02 9.82 24.49
CA VAL B 143 -17.34 8.78 23.53
C VAL B 143 -17.16 9.37 22.13
N VAL B 144 -17.22 8.52 21.14
CA VAL B 144 -17.12 8.95 19.75
C VAL B 144 -18.52 9.31 19.24
N ASP B 145 -18.67 10.51 18.70
CA ASP B 145 -19.86 10.77 17.91
C ASP B 145 -19.56 10.22 16.52
N TRP B 146 -20.10 9.04 16.23
CA TRP B 146 -19.78 8.38 14.99
C TRP B 146 -20.33 9.13 13.79
N ASN B 147 -21.22 10.09 14.03
CA ASN B 147 -21.70 10.92 12.95
C ASN B 147 -20.65 11.90 12.44
N LEU B 148 -19.55 12.08 13.15
CA LEU B 148 -18.49 12.97 12.69
C LEU B 148 -17.36 12.22 11.99
N ILE B 149 -17.55 10.94 11.68
CA ILE B 149 -16.54 10.13 11.02
C ILE B 149 -17.18 9.57 9.76
N ASN B 150 -16.75 10.08 8.61
CA ASN B 150 -17.27 9.59 7.34
C ASN B 150 -16.83 8.14 7.13
N LYS B 151 -17.69 7.36 6.46
CA LYS B 151 -17.42 5.92 6.33
C LYS B 151 -16.13 5.62 5.55
N GLU B 152 -15.99 6.18 4.34
CA GLU B 152 -14.80 5.86 3.55
C GLU B 152 -13.53 6.29 4.27
N ASP B 153 -13.58 7.46 4.93
CA ASP B 153 -12.42 7.86 5.73
C ASP B 153 -12.14 6.83 6.83
N TYR B 154 -13.19 6.29 7.46
CA TYR B 154 -12.98 5.30 8.51
C TYR B 154 -12.34 4.04 7.98
N LEU B 155 -12.93 3.43 6.94
CA LEU B 155 -12.40 2.16 6.43
C LEU B 155 -10.96 2.33 5.94
N SER B 156 -10.70 3.40 5.18
CA SER B 156 -9.34 3.66 4.73
C SER B 156 -8.40 3.83 5.92
N ALA B 157 -8.83 4.57 6.95
CA ALA B 157 -7.95 4.81 8.09
C ALA B 157 -7.63 3.52 8.82
N MET B 158 -8.63 2.63 8.95
CA MET B 158 -8.39 1.36 9.62
C MET B 158 -7.42 0.49 8.82
N GLU B 159 -7.58 0.46 7.50
CA GLU B 159 -6.64 -0.32 6.69
C GLU B 159 -5.22 0.23 6.83
N ARG B 160 -5.09 1.54 6.96
CA ARG B 160 -3.78 2.14 7.11
C ARG B 160 -3.18 1.91 8.50
N SER B 161 -4.02 1.74 9.53
CA SER B 161 -3.54 1.87 10.92
C SER B 161 -2.40 0.94 11.34
N PRO B 162 -2.26 -0.30 10.85
CA PRO B 162 -1.07 -1.06 11.26
C PRO B 162 0.23 -0.39 10.89
N VAL B 163 0.26 0.39 9.80
CA VAL B 163 1.50 1.07 9.43
C VAL B 163 1.62 2.39 10.18
N LYS B 164 0.55 3.18 10.21
CA LYS B 164 0.57 4.49 10.83
C LYS B 164 -0.84 4.80 11.31
N ASP B 165 -1.03 5.02 12.62
CA ASP B 165 -2.36 5.18 13.20
C ASP B 165 -2.82 6.63 13.27
N LEU B 166 -2.12 7.55 12.60
CA LEU B 166 -2.48 8.96 12.61
C LEU B 166 -3.86 9.24 12.03
N GLU B 167 -4.24 8.56 10.94
CA GLU B 167 -5.52 8.88 10.33
C GLU B 167 -6.69 8.52 11.23
N ILE B 168 -6.69 7.31 11.81
CA ILE B 168 -7.79 6.91 12.69
C ILE B 168 -7.76 7.75 13.96
N LYS B 169 -6.57 8.03 14.49
CA LYS B 169 -6.46 8.88 15.66
C LYS B 169 -7.05 10.27 15.40
N TYR B 170 -6.81 10.81 14.22
CA TYR B 170 -7.36 12.13 13.89
C TYR B 170 -8.88 12.08 13.84
N LEU B 171 -9.44 11.06 13.15
CA LEU B 171 -10.90 10.95 13.05
C LEU B 171 -11.55 10.79 14.43
N ILE B 172 -11.00 9.90 15.25
CA ILE B 172 -11.56 9.67 16.59
C ILE B 172 -11.44 10.96 17.43
N SER B 173 -10.26 11.57 17.40
CA SER B 173 -9.99 12.77 18.20
C SER B 173 -10.94 13.91 17.83
N ASN B 174 -11.29 14.03 16.56
CA ASN B 174 -12.26 15.06 16.17
C ASN B 174 -13.70 14.66 16.36
N ALA B 175 -13.99 13.39 16.63
CA ALA B 175 -15.36 12.97 16.87
C ALA B 175 -15.70 12.83 18.35
N LEU B 176 -14.76 13.11 19.26
CA LEU B 176 -14.99 12.94 20.68
C LEU B 176 -16.03 13.93 21.22
N THR B 177 -16.99 13.40 21.97
CA THR B 177 -17.97 14.22 22.67
C THR B 177 -18.01 13.82 24.14
N ASP B 178 -18.32 14.79 25.00
CA ASP B 178 -18.44 14.47 26.42
C ASP B 178 -19.83 13.98 26.79
N LYS B 179 -20.74 13.87 25.82
CA LYS B 179 -22.11 13.40 26.09
C LYS B 179 -22.13 11.88 26.25
N ILE B 180 -21.44 11.41 27.30
CA ILE B 180 -21.28 9.96 27.51
C ILE B 180 -22.53 9.31 28.10
N ASN B 181 -23.58 10.07 28.40
CA ASN B 181 -24.86 9.47 28.75
C ASN B 181 -25.94 9.80 27.74
N ASP B 182 -25.56 10.37 26.59
CA ASP B 182 -26.52 10.69 25.55
C ASP B 182 -26.90 9.39 24.84
N ARG B 183 -28.13 8.93 25.08
CA ARG B 183 -28.59 7.66 24.55
C ARG B 183 -28.65 7.66 23.02
N GLU B 184 -28.98 8.81 22.41
CA GLU B 184 -29.07 8.81 20.97
C GLU B 184 -27.68 8.76 20.34
N ILE B 185 -26.69 9.45 20.94
CA ILE B 185 -25.33 9.36 20.43
C ILE B 185 -24.91 7.91 20.37
N PHE B 186 -25.30 7.12 21.38
CA PHE B 186 -25.00 5.70 21.36
C PHE B 186 -25.75 4.98 20.25
N MET B 187 -27.06 5.17 20.18
CA MET B 187 -27.88 4.39 19.26
C MET B 187 -27.56 4.72 17.79
N LYS B 188 -27.39 6.00 17.49
CA LYS B 188 -26.94 6.44 16.17
C LYS B 188 -25.55 5.88 15.88
N GLY B 189 -24.69 5.83 16.90
CA GLY B 189 -23.41 5.18 16.74
C GLY B 189 -23.56 3.72 16.34
N ILE B 190 -24.58 3.04 16.86
CA ILE B 190 -24.84 1.66 16.46
C ILE B 190 -25.26 1.60 14.99
N ASP B 191 -26.15 2.50 14.55
CA ASP B 191 -26.57 2.47 13.15
C ASP B 191 -25.41 2.76 12.20
N ILE B 192 -24.59 3.77 12.52
CA ILE B 192 -23.44 4.13 11.69
C ILE B 192 -22.42 2.99 11.67
N SER B 193 -22.17 2.37 12.83
CA SER B 193 -21.24 1.24 12.89
C SER B 193 -21.73 0.09 12.02
N TYR B 194 -23.04 -0.17 12.00
CA TYR B 194 -23.53 -1.22 11.09
C TYR B 194 -23.41 -0.79 9.62
N TYR B 195 -23.59 0.50 9.34
CA TYR B 195 -23.42 1.00 7.98
C TYR B 195 -21.99 0.82 7.50
N TYR B 196 -21.00 0.98 8.39
CA TYR B 196 -19.61 0.76 8.02
C TYR B 196 -19.41 -0.63 7.45
N GLU B 197 -20.10 -1.62 8.00
CA GLU B 197 -19.93 -3.00 7.53
C GLU B 197 -20.97 -3.39 6.50
N GLY B 198 -21.83 -2.47 6.09
CA GLY B 198 -22.78 -2.70 5.01
C GLY B 198 -24.16 -3.16 5.40
N TYR B 199 -24.56 -3.00 6.66
CA TYR B 199 -25.90 -3.37 7.11
C TYR B 199 -26.69 -2.08 7.30
N THR B 200 -27.69 -1.87 6.45
CA THR B 200 -28.37 -0.57 6.38
C THR B 200 -29.88 -0.70 6.38
N GLU B 201 -30.41 -1.85 6.77
CA GLU B 201 -31.85 -2.07 6.63
C GLU B 201 -32.68 -1.46 7.76
N TYR B 202 -32.14 -1.30 8.96
CA TYR B 202 -32.93 -0.89 10.11
C TYR B 202 -32.32 0.31 10.83
N ASN B 203 -33.17 0.97 11.63
CA ASN B 203 -32.74 1.97 12.61
C ASN B 203 -32.95 1.35 13.98
N VAL B 204 -31.88 1.30 14.78
CA VAL B 204 -31.93 0.53 16.02
C VAL B 204 -32.98 1.10 16.96
N ASP B 205 -33.17 2.41 16.94
CA ASP B 205 -34.07 3.04 17.90
C ASP B 205 -35.53 2.66 17.65
N GLU B 206 -35.86 2.20 16.44
CA GLU B 206 -37.19 1.71 16.11
C GLU B 206 -37.39 0.25 16.50
N LEU B 207 -36.36 -0.41 17.00
CA LEU B 207 -36.44 -1.82 17.31
C LEU B 207 -36.94 -2.04 18.73
N MET C 8 20.95 6.56 17.71
CA MET C 8 21.79 5.70 16.88
C MET C 8 22.34 4.54 17.71
N LEU C 9 22.66 3.45 17.04
CA LEU C 9 22.90 2.20 17.75
C LEU C 9 24.23 2.19 18.47
N GLU C 10 24.23 1.50 19.61
CA GLU C 10 25.45 1.20 20.34
C GLU C 10 26.30 0.24 19.51
N ASN C 11 27.62 0.42 19.53
CA ASN C 11 28.47 -0.45 18.71
C ASN C 11 29.79 -0.68 19.43
N LYS C 12 30.45 -1.77 19.03
CA LYS C 12 31.68 -2.21 19.71
C LYS C 12 32.85 -1.31 19.39
N LEU C 13 32.84 -0.70 18.22
CA LEU C 13 33.82 0.34 17.93
C LEU C 13 33.39 1.61 18.66
N GLY C 14 34.22 2.64 18.66
CA GLY C 14 33.74 3.76 19.46
C GLY C 14 32.94 4.77 18.67
N ILE C 15 32.16 4.30 17.69
CA ILE C 15 31.69 5.19 16.65
C ILE C 15 30.41 5.87 17.08
N ILE C 16 30.41 7.21 17.00
CA ILE C 16 29.29 8.03 17.42
C ILE C 16 28.59 8.73 16.25
N ASN C 17 29.13 8.64 15.04
CA ASN C 17 28.52 9.27 13.87
C ASN C 17 27.93 8.18 12.99
N GLN C 18 26.66 8.34 12.59
CA GLN C 18 25.99 7.26 11.86
C GLN C 18 26.61 7.02 10.49
N LEU C 19 27.06 8.08 9.80
CA LEU C 19 27.67 7.89 8.49
C LEU C 19 28.99 7.14 8.60
N GLU C 20 29.79 7.42 9.63
CA GLU C 20 31.03 6.66 9.79
C GLU C 20 30.74 5.23 10.23
N LEU C 21 29.74 5.02 11.11
CA LEU C 21 29.36 3.65 11.45
C LEU C 21 28.95 2.88 10.20
N ASN C 22 28.21 3.53 9.28
CA ASN C 22 27.84 2.90 8.01
C ASN C 22 29.07 2.49 7.23
N ARG C 23 30.08 3.37 7.17
CA ARG C 23 31.28 3.04 6.40
C ARG C 23 32.03 1.84 7.00
N VAL C 24 32.30 1.87 8.31
CA VAL C 24 33.08 0.80 8.93
C VAL C 24 32.29 -0.50 8.95
N GLU C 25 31.00 -0.44 9.26
CA GLU C 25 30.16 -1.62 9.20
C GLU C 25 30.21 -2.25 7.82
N GLU C 26 30.06 -1.43 6.78
CA GLU C 26 30.16 -1.98 5.43
C GLU C 26 31.51 -2.66 5.24
N ARG C 27 32.60 -1.99 5.64
CA ARG C 27 33.93 -2.54 5.37
C ARG C 27 34.19 -3.82 6.15
N VAL C 28 34.00 -3.76 7.47
CA VAL C 28 34.32 -4.89 8.32
C VAL C 28 33.44 -6.08 7.98
N SER C 29 32.11 -5.84 7.85
CA SER C 29 31.23 -6.97 7.59
C SER C 29 31.40 -7.52 6.19
N LYS C 30 31.71 -6.69 5.19
CA LYS C 30 32.03 -7.24 3.87
C LYS C 30 33.32 -8.08 3.93
N GLU C 31 34.31 -7.62 4.70
CA GLU C 31 35.51 -8.43 4.94
C GLU C 31 35.13 -9.78 5.53
N ASN C 32 34.24 -9.78 6.52
CA ASN C 32 33.80 -11.03 7.12
C ASN C 32 33.08 -11.91 6.10
N ALA C 33 32.30 -11.31 5.20
CA ALA C 33 31.62 -12.12 4.19
C ALA C 33 32.61 -12.77 3.25
N LYS C 34 33.61 -12.00 2.80
CA LYS C 34 34.65 -12.57 1.95
C LYS C 34 35.33 -13.74 2.66
N ARG C 35 35.74 -13.54 3.91
CA ARG C 35 36.33 -14.63 4.67
C ARG C 35 35.36 -15.78 4.92
N LEU C 36 34.06 -15.50 5.12
CA LEU C 36 33.05 -16.55 5.26
C LEU C 36 33.05 -17.48 4.07
N TYR C 37 33.16 -16.92 2.86
CA TYR C 37 33.15 -17.77 1.66
C TYR C 37 34.50 -18.43 1.45
N ASP C 38 35.58 -17.65 1.52
CA ASP C 38 36.90 -18.13 1.09
C ASP C 38 37.44 -19.19 2.05
N SER C 39 37.21 -19.02 3.35
CA SER C 39 37.60 -20.02 4.32
C SER C 39 36.83 -21.33 4.18
N GLY C 40 35.79 -21.37 3.36
CA GLY C 40 34.90 -22.52 3.29
C GLY C 40 33.94 -22.65 4.44
N ASP C 41 33.96 -21.74 5.43
CA ASP C 41 33.03 -21.82 6.55
C ASP C 41 31.57 -21.84 6.09
N ILE C 42 31.25 -21.17 4.98
CA ILE C 42 29.87 -21.08 4.52
C ILE C 42 29.29 -22.46 4.25
N ASP C 43 30.14 -23.45 3.99
CA ASP C 43 29.69 -24.78 3.63
C ASP C 43 29.43 -25.67 4.84
N ARG C 44 29.80 -25.21 6.04
CA ARG C 44 29.61 -26.00 7.25
C ARG C 44 28.52 -25.44 8.15
N ILE C 45 27.60 -24.63 7.58
CA ILE C 45 26.50 -24.01 8.32
C ILE C 45 25.23 -24.81 8.06
N GLU C 46 24.41 -24.95 9.09
CA GLU C 46 23.09 -25.55 8.89
C GLU C 46 22.30 -24.71 7.89
N VAL C 47 21.66 -25.38 6.94
CA VAL C 47 20.92 -24.71 5.88
C VAL C 47 19.44 -24.62 6.28
N GLY C 48 18.85 -23.45 6.11
CA GLY C 48 17.42 -23.26 6.20
C GLY C 48 16.81 -23.14 7.58
N THR C 49 17.61 -22.91 8.61
CA THR C 49 17.08 -22.81 9.96
C THR C 49 17.56 -21.50 10.58
N PHE C 50 16.88 -21.08 11.63
CA PHE C 50 17.32 -19.87 12.31
C PHE C 50 18.72 -20.03 12.89
N LYS C 51 19.10 -21.23 13.31
CA LYS C 51 20.47 -21.45 13.77
C LYS C 51 21.49 -21.03 12.71
N GLY C 52 21.28 -21.44 11.45
CA GLY C 52 22.19 -21.07 10.38
C GLY C 52 22.17 -19.60 10.06
N LEU C 53 20.97 -18.99 10.01
CA LEU C 53 20.90 -17.55 9.77
C LEU C 53 21.63 -16.81 10.88
N SER C 54 21.42 -17.24 12.12
CA SER C 54 22.10 -16.65 13.26
C SER C 54 23.61 -16.78 13.11
N TYR C 55 24.09 -17.93 12.62
CA TYR C 55 25.52 -18.09 12.40
C TYR C 55 26.03 -17.09 11.36
N ILE C 56 25.31 -16.95 10.24
CA ILE C 56 25.70 -15.99 9.20
C ILE C 56 25.77 -14.59 9.78
N HIS C 57 24.73 -14.20 10.53
CA HIS C 57 24.60 -12.85 11.04
C HIS C 57 25.70 -12.54 12.04
N ASN C 58 25.95 -13.47 12.96
CA ASN C 58 27.07 -13.28 13.87
C ASN C 58 28.40 -13.16 13.11
N TYR C 59 28.60 -14.00 12.10
CA TYR C 59 29.83 -13.96 11.31
C TYR C 59 30.03 -12.59 10.69
N LEU C 60 28.97 -12.02 10.12
CA LEU C 60 29.08 -10.73 9.46
C LEU C 60 29.31 -9.62 10.46
N PHE C 61 28.62 -9.65 11.62
CA PHE C 61 28.48 -8.44 12.42
C PHE C 61 29.05 -8.48 13.83
N GLU C 62 29.69 -9.56 14.27
CA GLU C 62 30.05 -9.65 15.69
C GLU C 62 31.11 -8.64 16.09
N ASP C 63 31.95 -8.21 15.15
CA ASP C 63 32.94 -7.18 15.47
C ASP C 63 32.30 -5.84 15.75
N ILE C 64 31.12 -5.59 15.18
CA ILE C 64 30.51 -4.28 15.21
C ILE C 64 29.43 -4.18 16.27
N TYR C 65 28.59 -5.21 16.42
CA TYR C 65 27.44 -5.13 17.30
C TYR C 65 27.42 -6.28 18.30
N GLU C 66 27.13 -5.92 19.56
CA GLU C 66 26.97 -6.94 20.59
C GLU C 66 25.81 -7.88 20.31
N PHE C 67 24.74 -7.38 19.72
CA PHE C 67 23.57 -8.21 19.48
C PHE C 67 23.73 -9.17 18.31
N ALA C 68 24.91 -9.26 17.69
CA ALA C 68 25.08 -10.07 16.48
C ALA C 68 24.74 -11.53 16.71
N GLY C 69 23.96 -12.10 15.80
CA GLY C 69 23.50 -13.46 15.90
C GLY C 69 22.35 -13.70 16.90
N LYS C 70 21.90 -12.67 17.62
CA LYS C 70 20.94 -12.83 18.71
C LYS C 70 19.53 -12.33 18.34
N VAL C 71 18.50 -13.04 18.81
CA VAL C 71 17.13 -12.57 18.59
C VAL C 71 16.95 -11.24 19.29
N ARG C 72 16.33 -10.30 18.60
CA ARG C 72 16.10 -8.98 19.19
C ARG C 72 15.12 -9.06 20.37
N SER C 73 15.11 -8.02 21.18
CA SER C 73 14.21 -7.97 22.33
C SER C 73 13.14 -6.90 22.21
N GLN C 74 13.28 -5.97 21.28
CA GLN C 74 12.26 -4.97 21.00
C GLN C 74 11.77 -5.10 19.57
N ASN C 75 10.63 -4.47 19.31
CA ASN C 75 10.12 -4.40 17.96
C ASN C 75 10.99 -3.45 17.13
N ILE C 76 10.96 -3.64 15.81
CA ILE C 76 11.59 -2.71 14.86
C ILE C 76 10.55 -2.38 13.81
N SER C 77 10.55 -1.13 13.33
CA SER C 77 9.50 -0.72 12.41
C SER C 77 10.09 0.06 11.26
N LYS C 78 9.88 -0.43 10.05
CA LYS C 78 10.28 0.29 8.85
C LYS C 78 9.32 -0.09 7.73
N GLY C 79 9.19 0.81 6.76
CA GLY C 79 8.40 0.58 5.57
C GLY C 79 6.90 0.40 5.77
N ASN C 80 6.32 -0.42 4.88
CA ASN C 80 4.88 -0.51 4.71
C ASN C 80 4.20 -1.73 5.33
N PHE C 81 4.93 -2.57 6.05
CA PHE C 81 4.26 -3.66 6.77
C PHE C 81 5.00 -3.89 8.07
N ARG C 82 4.27 -4.44 9.03
CA ARG C 82 4.84 -4.68 10.34
C ARG C 82 5.67 -5.96 10.27
N PHE C 83 6.93 -5.87 10.70
CA PHE C 83 7.74 -7.04 11.01
C PHE C 83 7.15 -7.73 12.24
N ALA C 84 7.56 -8.96 12.46
CA ALA C 84 6.99 -9.70 13.57
C ALA C 84 7.32 -9.02 14.90
N PRO C 85 6.34 -8.83 15.78
CA PRO C 85 6.66 -8.33 17.12
C PRO C 85 7.34 -9.39 17.97
N VAL C 86 8.19 -8.92 18.90
CA VAL C 86 8.99 -9.81 19.73
C VAL C 86 8.16 -10.92 20.37
N MET C 87 6.93 -10.60 20.77
CA MET C 87 6.13 -11.58 21.49
C MET C 87 5.81 -12.80 20.63
N TYR C 88 5.82 -12.68 19.30
CA TYR C 88 5.57 -13.82 18.44
C TYR C 88 6.86 -14.44 17.95
N LEU C 89 8.00 -13.79 18.20
CA LEU C 89 9.21 -14.07 17.43
C LEU C 89 9.69 -15.50 17.65
N GLU C 90 9.76 -15.95 18.90
CA GLU C 90 10.24 -17.30 19.19
C GLU C 90 9.39 -18.35 18.47
N ILE C 91 8.07 -18.19 18.55
CA ILE C 91 7.15 -19.10 17.87
C ILE C 91 7.29 -19.00 16.35
N ALA C 92 7.42 -17.78 15.84
CA ALA C 92 7.54 -17.58 14.41
C ALA C 92 8.77 -18.29 13.86
N LEU C 93 9.91 -18.17 14.55
CA LEU C 93 11.16 -18.77 14.08
C LEU C 93 11.10 -20.28 14.19
N GLU C 94 10.46 -20.79 15.25
CA GLU C 94 10.24 -22.21 15.39
C GLU C 94 9.47 -22.74 14.20
N HIS C 95 8.40 -22.02 13.85
CA HIS C 95 7.61 -22.34 12.68
C HIS C 95 8.44 -22.29 11.40
N ILE C 96 9.23 -21.25 11.21
CA ILE C 96 9.99 -21.14 9.98
C ILE C 96 10.97 -22.30 9.85
N ASP C 97 11.57 -22.71 10.97
CA ASP C 97 12.48 -23.85 10.96
C ASP C 97 11.81 -25.11 10.44
N LYS C 98 10.50 -25.24 10.64
CA LYS C 98 9.78 -26.44 10.22
C LYS C 98 9.16 -26.31 8.84
N MET C 99 9.22 -25.13 8.21
CA MET C 99 8.63 -24.97 6.89
C MET C 99 9.44 -25.80 5.87
N PRO C 100 8.78 -26.39 4.88
CA PRO C 100 9.49 -27.19 3.89
C PRO C 100 10.19 -26.31 2.86
N GLN C 101 11.11 -26.93 2.12
CA GLN C 101 11.92 -26.20 1.15
C GLN C 101 12.28 -27.10 -0.06
N ARG C 102 11.30 -27.87 -0.58
CA ARG C 102 11.64 -28.83 -1.64
C ARG C 102 11.72 -28.17 -3.02
N ASN C 103 10.89 -27.16 -3.28
CA ASN C 103 10.86 -26.49 -4.58
C ASN C 103 10.85 -24.98 -4.40
N LEU C 104 10.81 -24.27 -5.52
CA LEU C 104 10.95 -22.82 -5.47
C LEU C 104 9.80 -22.16 -4.74
N ASP C 105 8.57 -22.64 -4.93
CA ASP C 105 7.44 -22.05 -4.21
C ASP C 105 7.66 -22.10 -2.71
N GLU C 106 8.08 -23.26 -2.21
CA GLU C 106 8.22 -23.41 -0.77
C GLU C 106 9.42 -22.64 -0.24
N ILE C 107 10.51 -22.57 -1.02
CA ILE C 107 11.67 -21.82 -0.58
C ILE C 107 11.37 -20.33 -0.53
N VAL C 108 10.69 -19.81 -1.56
CA VAL C 108 10.31 -18.40 -1.56
C VAL C 108 9.35 -18.09 -0.40
N ALA C 109 8.35 -18.95 -0.18
CA ALA C 109 7.46 -18.73 0.96
C ALA C 109 8.25 -18.71 2.26
N LYS C 110 9.24 -19.59 2.40
CA LYS C 110 10.05 -19.64 3.61
C LYS C 110 10.89 -18.38 3.77
N TYR C 111 11.48 -17.91 2.66
CA TYR C 111 12.22 -16.67 2.65
C TYR C 111 11.33 -15.47 3.02
N VAL C 112 10.11 -15.43 2.47
CA VAL C 112 9.17 -14.36 2.78
C VAL C 112 8.83 -14.36 4.26
N GLU C 113 8.58 -15.55 4.84
CA GLU C 113 8.31 -15.60 6.27
C GLU C 113 9.52 -15.14 7.08
N MET C 114 10.73 -15.51 6.64
CA MET C 114 11.89 -15.10 7.43
C MET C 114 12.14 -13.61 7.31
N ASN C 115 11.83 -13.03 6.15
CA ASN C 115 11.94 -11.57 6.00
C ASN C 115 10.95 -10.84 6.91
N ILE C 116 9.72 -11.37 7.05
CA ILE C 116 8.78 -10.78 8.01
C ILE C 116 9.28 -10.94 9.44
N ALA C 117 9.84 -12.12 9.77
CA ALA C 117 10.32 -12.33 11.13
C ALA C 117 11.41 -11.32 11.49
N ALA C 118 12.32 -11.03 10.56
CA ALA C 118 13.41 -10.08 10.74
C ALA C 118 14.01 -10.18 12.15
N PRO C 119 14.56 -11.33 12.53
CA PRO C 119 14.79 -11.60 13.96
C PRO C 119 15.86 -10.76 14.61
N PHE C 120 16.78 -10.14 13.88
CA PHE C 120 17.87 -9.40 14.49
C PHE C 120 17.53 -7.92 14.57
N ARG C 121 18.27 -7.23 15.43
CA ARG C 121 18.06 -5.81 15.63
C ARG C 121 18.30 -5.04 14.33
N GLU C 122 19.35 -5.40 13.60
CA GLU C 122 19.63 -4.84 12.29
C GLU C 122 20.41 -5.87 11.49
N GLY C 123 20.53 -5.65 10.19
CA GLY C 123 21.28 -6.56 9.34
C GLY C 123 20.52 -7.76 8.83
N ASN C 124 19.19 -7.79 9.00
CA ASN C 124 18.36 -8.92 8.56
C ASN C 124 18.42 -9.14 7.06
N GLY C 125 18.37 -8.06 6.27
CA GLY C 125 18.25 -8.23 4.84
C GLY C 125 19.47 -8.93 4.24
N ARG C 126 20.66 -8.50 4.66
CA ARG C 126 21.92 -9.01 4.09
C ARG C 126 22.18 -10.47 4.50
N ALA C 127 22.00 -10.74 5.80
CA ALA C 127 22.17 -12.11 6.28
C ALA C 127 21.15 -13.02 5.66
N THR C 128 19.90 -12.58 5.56
CA THR C 128 18.89 -13.48 5.04
C THR C 128 19.07 -13.74 3.57
N ARG C 129 19.64 -12.78 2.79
CA ARG C 129 19.90 -13.10 1.39
C ARG C 129 20.97 -14.19 1.27
N ILE C 130 22.02 -14.13 2.09
CA ILE C 130 22.99 -15.23 2.06
C ILE C 130 22.32 -16.55 2.42
N TRP C 131 21.53 -16.54 3.51
CA TRP C 131 20.78 -17.72 3.93
C TRP C 131 19.92 -18.29 2.81
N LEU C 132 19.28 -17.40 2.04
CA LEU C 132 18.43 -17.85 0.94
C LEU C 132 19.27 -18.56 -0.10
N ASP C 133 20.40 -17.97 -0.47
CA ASP C 133 21.21 -18.61 -1.49
C ASP C 133 21.65 -20.01 -1.05
N LEU C 134 21.98 -20.18 0.23
CA LEU C 134 22.39 -21.51 0.65
C LEU C 134 21.24 -22.50 0.54
N ILE C 135 20.01 -22.07 0.86
CA ILE C 135 18.86 -22.96 0.70
C ILE C 135 18.67 -23.36 -0.75
N LEU C 136 18.71 -22.37 -1.65
CA LEU C 136 18.56 -22.68 -3.07
C LEU C 136 19.64 -23.64 -3.54
N LYS C 137 20.87 -23.43 -3.08
CA LYS C 137 21.97 -24.29 -3.50
C LYS C 137 21.77 -25.72 -3.04
N LYS C 138 21.28 -25.91 -1.81
CA LYS C 138 21.08 -27.27 -1.31
C LYS C 138 19.93 -27.98 -2.02
N GLU C 139 18.78 -27.30 -2.21
CA GLU C 139 17.58 -28.00 -2.64
C GLU C 139 17.30 -27.94 -4.13
N LEU C 140 17.78 -26.91 -4.81
CA LEU C 140 17.59 -26.81 -6.25
C LEU C 140 18.91 -26.80 -7.01
N LYS C 141 20.05 -26.83 -6.31
CA LYS C 141 21.37 -26.68 -6.93
C LYS C 141 21.42 -25.45 -7.83
N ARG C 142 20.82 -24.36 -7.34
CA ARG C 142 20.87 -23.06 -8.00
C ARG C 142 21.20 -22.02 -6.94
N VAL C 143 21.83 -20.94 -7.37
CA VAL C 143 21.91 -19.73 -6.56
C VAL C 143 21.32 -18.61 -7.39
N VAL C 144 21.15 -17.45 -6.76
CA VAL C 144 20.69 -16.26 -7.44
C VAL C 144 21.88 -15.51 -8.05
N ASP C 145 21.79 -15.22 -9.34
CA ASP C 145 22.67 -14.23 -9.95
C ASP C 145 22.03 -12.88 -9.68
N TRP C 146 22.50 -12.21 -8.61
CA TRP C 146 21.85 -10.99 -8.16
C TRP C 146 22.02 -9.83 -9.14
N ASN C 147 22.90 -9.96 -10.14
CA ASN C 147 23.00 -8.95 -11.18
C ASN C 147 21.78 -8.96 -12.09
N LEU C 148 20.96 -10.00 -12.00
CA LEU C 148 19.74 -10.12 -12.78
C LEU C 148 18.50 -9.66 -12.00
N ILE C 149 18.68 -9.04 -10.83
CA ILE C 149 17.56 -8.49 -10.05
C ILE C 149 17.87 -7.03 -9.78
N ASN C 150 17.12 -6.15 -10.42
CA ASN C 150 17.24 -4.71 -10.24
C ASN C 150 16.88 -4.30 -8.81
N LYS C 151 17.53 -3.24 -8.30
CA LYS C 151 17.30 -2.83 -6.92
C LYS C 151 15.84 -2.45 -6.70
N GLU C 152 15.32 -1.56 -7.54
CA GLU C 152 13.96 -1.07 -7.38
C GLU C 152 12.95 -2.20 -7.50
N ASP C 153 13.16 -3.11 -8.46
CA ASP C 153 12.31 -4.28 -8.56
C ASP C 153 12.38 -5.13 -7.31
N TYR C 154 13.60 -5.33 -6.79
CA TYR C 154 13.74 -6.16 -5.59
C TYR C 154 12.96 -5.56 -4.42
N LEU C 155 13.22 -4.28 -4.12
CA LEU C 155 12.59 -3.64 -2.97
C LEU C 155 11.08 -3.62 -3.11
N SER C 156 10.58 -3.25 -4.30
CA SER C 156 9.13 -3.26 -4.50
C SER C 156 8.56 -4.66 -4.29
N ALA C 157 9.23 -5.68 -4.81
CA ALA C 157 8.69 -7.03 -4.69
C ALA C 157 8.68 -7.48 -3.23
N MET C 158 9.72 -7.10 -2.47
CA MET C 158 9.75 -7.48 -1.06
C MET C 158 8.63 -6.80 -0.28
N GLU C 159 8.40 -5.50 -0.52
CA GLU C 159 7.32 -4.83 0.18
C GLU C 159 6.00 -5.49 -0.12
N ARG C 160 5.83 -5.94 -1.36
CA ARG C 160 4.60 -6.60 -1.75
C ARG C 160 4.48 -8.01 -1.16
N SER C 161 5.61 -8.65 -0.87
CA SER C 161 5.58 -10.09 -0.62
C SER C 161 4.71 -10.56 0.55
N PRO C 162 4.54 -9.83 1.66
CA PRO C 162 3.63 -10.36 2.72
C PRO C 162 2.21 -10.54 2.21
N VAL C 163 1.79 -9.76 1.22
CA VAL C 163 0.46 -9.93 0.63
C VAL C 163 0.49 -11.01 -0.44
N LYS C 164 1.48 -10.96 -1.35
CA LYS C 164 1.58 -11.88 -2.47
C LYS C 164 3.04 -12.03 -2.87
N ASP C 165 3.57 -13.26 -2.86
CA ASP C 165 4.98 -13.49 -3.12
C ASP C 165 5.28 -13.71 -4.61
N LEU C 166 4.30 -13.43 -5.48
CA LEU C 166 4.47 -13.68 -6.90
C LEU C 166 5.60 -12.82 -7.48
N GLU C 167 5.64 -11.54 -7.13
CA GLU C 167 6.63 -10.65 -7.76
C GLU C 167 8.06 -11.08 -7.39
N ILE C 168 8.31 -11.34 -6.10
CA ILE C 168 9.65 -11.74 -5.69
C ILE C 168 9.98 -13.13 -6.21
N LYS C 169 9.00 -14.04 -6.25
CA LYS C 169 9.22 -15.35 -6.85
C LYS C 169 9.67 -15.20 -8.29
N TYR C 170 9.03 -14.29 -9.03
CA TYR C 170 9.38 -14.11 -10.42
C TYR C 170 10.81 -13.61 -10.57
N LEU C 171 11.18 -12.59 -9.78
CA LEU C 171 12.55 -12.08 -9.85
C LEU C 171 13.57 -13.17 -9.52
N ILE C 172 13.32 -13.93 -8.44
CA ILE C 172 14.26 -14.96 -8.06
C ILE C 172 14.37 -16.04 -9.13
N SER C 173 13.23 -16.56 -9.60
CA SER C 173 13.30 -17.67 -10.55
C SER C 173 13.99 -17.24 -11.84
N ASN C 174 13.72 -16.01 -12.28
CA ASN C 174 14.37 -15.57 -13.50
C ASN C 174 15.82 -15.18 -13.30
N ALA C 175 16.31 -15.12 -12.06
CA ALA C 175 17.74 -14.89 -11.85
C ALA C 175 18.53 -16.15 -11.46
N LEU C 176 17.88 -17.30 -11.39
CA LEU C 176 18.57 -18.51 -10.95
C LEU C 176 19.67 -18.94 -11.94
N THR C 177 20.83 -19.28 -11.41
CA THR C 177 21.95 -19.85 -12.16
C THR C 177 22.43 -21.12 -11.48
N ASP C 178 22.99 -22.04 -12.29
CA ASP C 178 23.51 -23.29 -11.74
C ASP C 178 24.96 -23.19 -11.30
N LYS C 179 25.59 -22.02 -11.44
CA LYS C 179 26.97 -21.85 -11.04
C LYS C 179 27.06 -21.65 -9.52
N ILE C 180 26.75 -22.72 -8.80
CA ILE C 180 26.63 -22.67 -7.35
C ILE C 180 27.97 -22.65 -6.62
N ASN C 181 29.09 -22.82 -7.35
CA ASN C 181 30.42 -22.65 -6.76
C ASN C 181 31.24 -21.56 -7.45
N ASP C 182 30.59 -20.72 -8.25
CA ASP C 182 31.22 -19.59 -8.91
C ASP C 182 31.48 -18.50 -7.86
N ARG C 183 32.75 -18.28 -7.52
CA ARG C 183 33.10 -17.31 -6.48
C ARG C 183 32.68 -15.89 -6.86
N GLU C 184 32.75 -15.56 -8.16
CA GLU C 184 32.43 -14.21 -8.59
C GLU C 184 30.93 -13.93 -8.47
N ILE C 185 30.09 -14.94 -8.74
CA ILE C 185 28.65 -14.80 -8.53
C ILE C 185 28.35 -14.45 -7.08
N PHE C 186 29.03 -15.12 -6.15
CA PHE C 186 28.84 -14.85 -4.73
C PHE C 186 29.28 -13.43 -4.38
N MET C 187 30.50 -13.06 -4.79
CA MET C 187 31.05 -11.78 -4.37
C MET C 187 30.25 -10.63 -4.95
N LYS C 188 29.87 -10.75 -6.22
CA LYS C 188 29.00 -9.76 -6.81
C LYS C 188 27.66 -9.70 -6.05
N GLY C 189 27.13 -10.85 -5.67
CA GLY C 189 25.91 -10.89 -4.86
C GLY C 189 26.05 -10.16 -3.55
N ILE C 190 27.22 -10.23 -2.92
CA ILE C 190 27.44 -9.49 -1.69
C ILE C 190 27.41 -7.98 -1.96
N ASP C 191 28.08 -7.53 -3.02
CA ASP C 191 28.06 -6.09 -3.29
C ASP C 191 26.66 -5.61 -3.61
N ILE C 192 25.91 -6.35 -4.43
CA ILE C 192 24.55 -5.96 -4.78
C ILE C 192 23.63 -5.99 -3.55
N SER C 193 23.76 -7.03 -2.71
CA SER C 193 22.94 -7.12 -1.51
C SER C 193 23.17 -5.91 -0.59
N TYR C 194 24.42 -5.47 -0.46
CA TYR C 194 24.66 -4.26 0.31
C TYR C 194 24.14 -3.02 -0.41
N TYR C 195 24.19 -3.01 -1.75
CA TYR C 195 23.65 -1.89 -2.50
C TYR C 195 22.14 -1.76 -2.29
N TYR C 196 21.44 -2.90 -2.20
CA TYR C 196 20.01 -2.86 -1.96
C TYR C 196 19.67 -2.05 -0.71
N GLU C 197 20.51 -2.10 0.31
CA GLU C 197 20.27 -1.39 1.56
C GLU C 197 20.97 -0.05 1.62
N GLY C 198 21.64 0.37 0.54
CA GLY C 198 22.26 1.67 0.48
C GLY C 198 23.73 1.74 0.86
N TYR C 199 24.45 0.60 0.91
CA TYR C 199 25.89 0.60 1.22
C TYR C 199 26.68 0.34 -0.07
N THR C 200 27.43 1.35 -0.53
CA THR C 200 28.16 1.27 -1.80
C THR C 200 29.58 1.83 -1.68
N GLU C 201 30.13 1.96 -0.48
CA GLU C 201 31.43 2.59 -0.36
C GLU C 201 32.57 1.66 -0.74
N TYR C 202 32.39 0.35 -0.68
CA TYR C 202 33.46 -0.59 -0.99
C TYR C 202 32.96 -1.67 -1.96
N ASN C 203 33.92 -2.32 -2.63
CA ASN C 203 33.72 -3.53 -3.42
C ASN C 203 34.36 -4.70 -2.68
N VAL C 204 33.59 -5.76 -2.44
CA VAL C 204 34.07 -6.81 -1.52
C VAL C 204 35.35 -7.48 -2.03
N ASP C 205 35.46 -7.70 -3.35
CA ASP C 205 36.65 -8.33 -3.90
C ASP C 205 37.89 -7.46 -3.80
N GLU C 206 37.72 -6.15 -3.65
CA GLU C 206 38.83 -5.24 -3.41
C GLU C 206 39.21 -5.19 -1.95
N LEU C 207 38.55 -5.97 -1.11
CA LEU C 207 38.88 -6.03 0.29
C LEU C 207 39.77 -7.24 0.55
N GLU D 10 -30.31 7.29 -7.99
CA GLU D 10 -30.30 8.16 -9.17
C GLU D 10 -30.45 7.32 -10.44
N ASN D 11 -31.68 6.94 -10.79
CA ASN D 11 -31.90 5.96 -11.86
C ASN D 11 -33.18 6.25 -12.61
N LYS D 12 -33.32 5.61 -13.77
CA LYS D 12 -34.46 5.77 -14.68
C LYS D 12 -35.72 5.06 -14.18
N LEU D 13 -35.58 3.95 -13.47
CA LEU D 13 -36.71 3.29 -12.83
C LEU D 13 -37.13 4.07 -11.58
N GLY D 14 -38.19 3.64 -10.93
CA GLY D 14 -38.62 4.41 -9.78
C GLY D 14 -38.01 4.01 -8.45
N ILE D 15 -36.75 3.58 -8.43
CA ILE D 15 -36.18 2.94 -7.26
C ILE D 15 -35.52 3.98 -6.36
N ILE D 16 -35.94 4.00 -5.09
CA ILE D 16 -35.36 4.91 -4.10
C ILE D 16 -34.53 4.17 -3.07
N ASN D 17 -34.56 2.83 -3.08
CA ASN D 17 -33.82 1.98 -2.14
C ASN D 17 -32.65 1.30 -2.84
N GLN D 18 -31.45 1.40 -2.26
CA GLN D 18 -30.24 0.91 -2.92
C GLN D 18 -30.22 -0.62 -3.04
N LEU D 19 -30.74 -1.35 -2.04
CA LEU D 19 -30.72 -2.82 -2.14
C LEU D 19 -31.63 -3.31 -3.27
N GLU D 20 -32.79 -2.66 -3.42
CA GLU D 20 -33.70 -3.01 -4.51
C GLU D 20 -33.07 -2.69 -5.85
N LEU D 21 -32.41 -1.52 -5.94
CA LEU D 21 -31.69 -1.17 -7.16
C LEU D 21 -30.58 -2.18 -7.47
N ASN D 22 -29.88 -2.68 -6.45
CA ASN D 22 -28.86 -3.69 -6.71
C ASN D 22 -29.48 -4.91 -7.36
N ARG D 23 -30.60 -5.38 -6.82
CA ARG D 23 -31.22 -6.58 -7.38
C ARG D 23 -31.73 -6.33 -8.80
N VAL D 24 -32.40 -5.18 -9.02
CA VAL D 24 -33.02 -4.88 -10.30
C VAL D 24 -31.95 -4.62 -11.37
N GLU D 25 -30.94 -3.83 -11.03
CA GLU D 25 -29.81 -3.62 -11.92
C GLU D 25 -29.17 -4.96 -12.29
N GLU D 26 -28.93 -5.82 -11.30
CA GLU D 26 -28.38 -7.13 -11.63
C GLU D 26 -29.28 -7.86 -12.63
N ARG D 27 -30.58 -7.91 -12.37
CA ARG D 27 -31.45 -8.74 -13.21
C ARG D 27 -31.55 -8.17 -14.62
N VAL D 28 -31.85 -6.88 -14.75
CA VAL D 28 -32.04 -6.27 -16.06
C VAL D 28 -30.74 -6.29 -16.87
N SER D 29 -29.62 -5.89 -16.23
CA SER D 29 -28.36 -5.84 -16.95
C SER D 29 -27.87 -7.24 -17.30
N LYS D 30 -28.09 -8.23 -16.43
CA LYS D 30 -27.73 -9.61 -16.79
C LYS D 30 -28.60 -10.14 -17.93
N GLU D 31 -29.88 -9.76 -17.95
CA GLU D 31 -30.72 -10.07 -19.11
C GLU D 31 -30.13 -9.47 -20.38
N ASN D 32 -29.69 -8.21 -20.30
CA ASN D 32 -29.09 -7.58 -21.47
C ASN D 32 -27.78 -8.26 -21.89
N ALA D 33 -26.98 -8.72 -20.92
CA ALA D 33 -25.74 -9.40 -21.25
C ALA D 33 -26.04 -10.71 -21.96
N LYS D 34 -27.02 -11.47 -21.45
CA LYS D 34 -27.42 -12.70 -22.13
C LYS D 34 -27.85 -12.42 -23.57
N ARG D 35 -28.67 -11.38 -23.78
CA ARG D 35 -29.08 -11.04 -25.14
C ARG D 35 -27.90 -10.55 -25.99
N LEU D 36 -26.96 -9.82 -25.38
CA LEU D 36 -25.78 -9.37 -26.09
C LEU D 36 -25.07 -10.55 -26.72
N TYR D 37 -24.95 -11.63 -25.96
CA TYR D 37 -24.27 -12.78 -26.54
C TYR D 37 -25.18 -13.53 -27.53
N ASP D 38 -26.42 -13.83 -27.13
CA ASP D 38 -27.22 -14.79 -27.87
C ASP D 38 -27.64 -14.26 -29.24
N SER D 39 -27.95 -12.97 -29.34
CA SER D 39 -28.30 -12.36 -30.60
C SER D 39 -27.11 -12.26 -31.57
N GLY D 40 -25.90 -12.55 -31.10
CA GLY D 40 -24.71 -12.30 -31.89
C GLY D 40 -24.27 -10.86 -31.94
N ASP D 41 -24.99 -9.94 -31.29
CA ASP D 41 -24.58 -8.54 -31.30
C ASP D 41 -23.16 -8.34 -30.78
N ILE D 42 -22.71 -9.19 -29.86
CA ILE D 42 -21.38 -9.01 -29.25
C ILE D 42 -20.28 -9.07 -30.29
N ASP D 43 -20.50 -9.80 -31.38
CA ASP D 43 -19.49 -9.97 -32.42
C ASP D 43 -19.54 -8.91 -33.50
N ARG D 44 -20.44 -7.93 -33.41
CA ARG D 44 -20.50 -6.87 -34.41
C ARG D 44 -20.01 -5.53 -33.87
N ILE D 45 -19.28 -5.54 -32.76
CA ILE D 45 -18.74 -4.32 -32.18
C ILE D 45 -17.23 -4.21 -32.38
N GLU D 46 -16.79 -2.96 -32.47
CA GLU D 46 -15.37 -2.65 -32.54
C GLU D 46 -14.66 -3.20 -31.31
N VAL D 47 -13.53 -3.85 -31.52
CA VAL D 47 -12.78 -4.52 -30.46
C VAL D 47 -11.66 -3.61 -29.98
N GLY D 48 -11.50 -3.49 -28.67
CA GLY D 48 -10.33 -2.81 -28.11
C GLY D 48 -10.37 -1.31 -28.16
N THR D 49 -11.55 -0.73 -28.31
CA THR D 49 -11.69 0.70 -28.50
C THR D 49 -12.67 1.26 -27.47
N PHE D 50 -12.60 2.57 -27.19
CA PHE D 50 -13.59 3.14 -26.28
C PHE D 50 -15.00 3.10 -26.86
N LYS D 51 -15.12 3.29 -28.17
CA LYS D 51 -16.41 3.19 -28.85
C LYS D 51 -17.04 1.83 -28.56
N GLY D 52 -16.25 0.76 -28.65
CA GLY D 52 -16.77 -0.57 -28.37
C GLY D 52 -17.12 -0.74 -26.90
N LEU D 53 -16.27 -0.23 -26.01
CA LEU D 53 -16.56 -0.31 -24.59
C LEU D 53 -17.86 0.41 -24.27
N SER D 54 -18.03 1.61 -24.84
CA SER D 54 -19.26 2.38 -24.66
C SER D 54 -20.47 1.63 -25.19
N TYR D 55 -20.33 0.97 -26.34
CA TYR D 55 -21.42 0.17 -26.85
C TYR D 55 -21.80 -0.91 -25.85
N ILE D 56 -20.81 -1.62 -25.31
CA ILE D 56 -21.10 -2.67 -24.33
C ILE D 56 -21.82 -2.08 -23.11
N HIS D 57 -21.30 -0.96 -22.59
CA HIS D 57 -21.85 -0.38 -21.38
C HIS D 57 -23.29 0.09 -21.59
N ASN D 58 -23.53 0.79 -22.71
CA ASN D 58 -24.90 1.18 -23.03
C ASN D 58 -25.80 -0.04 -23.14
N TYR D 59 -25.33 -1.08 -23.82
CA TYR D 59 -26.14 -2.29 -23.97
C TYR D 59 -26.51 -2.86 -22.61
N LEU D 60 -25.57 -2.90 -21.67
CA LEU D 60 -25.90 -3.49 -20.37
C LEU D 60 -26.86 -2.60 -19.58
N PHE D 61 -26.68 -1.28 -19.65
CA PHE D 61 -27.24 -0.41 -18.62
C PHE D 61 -28.19 0.67 -19.12
N GLU D 62 -28.53 0.70 -20.42
CA GLU D 62 -29.29 1.83 -20.92
C GLU D 62 -30.70 1.88 -20.32
N ASP D 63 -31.26 0.73 -19.91
CA ASP D 63 -32.58 0.75 -19.29
C ASP D 63 -32.54 1.34 -17.88
N ILE D 64 -31.41 1.22 -17.18
CA ILE D 64 -31.33 1.56 -15.76
C ILE D 64 -30.77 2.96 -15.54
N TYR D 65 -29.76 3.37 -16.28
CA TYR D 65 -29.08 4.63 -16.01
C TYR D 65 -29.04 5.50 -17.26
N GLU D 66 -29.32 6.80 -17.07
CA GLU D 66 -29.21 7.75 -18.18
C GLU D 66 -27.78 7.94 -18.66
N PHE D 67 -26.81 7.83 -17.77
CA PHE D 67 -25.41 8.02 -18.15
C PHE D 67 -24.83 6.82 -18.89
N ALA D 68 -25.64 5.82 -19.23
CA ALA D 68 -25.10 4.60 -19.83
C ALA D 68 -24.37 4.91 -21.13
N GLY D 69 -23.16 4.35 -21.27
CA GLY D 69 -22.36 4.56 -22.45
C GLY D 69 -21.69 5.91 -22.54
N LYS D 70 -21.90 6.82 -21.60
CA LYS D 70 -21.40 8.18 -21.70
C LYS D 70 -20.18 8.38 -20.80
N VAL D 71 -19.21 9.16 -21.26
CA VAL D 71 -18.06 9.49 -20.42
C VAL D 71 -18.54 10.32 -19.24
N ARG D 72 -18.10 9.94 -18.04
CA ARG D 72 -18.52 10.63 -16.82
C ARG D 72 -18.02 12.07 -16.81
N SER D 73 -18.66 12.87 -15.97
CA SER D 73 -18.35 14.29 -15.82
C SER D 73 -17.75 14.62 -14.46
N GLN D 74 -17.86 13.72 -13.49
CA GLN D 74 -17.28 13.91 -12.17
C GLN D 74 -16.19 12.89 -11.97
N ASN D 75 -15.33 13.19 -10.99
CA ASN D 75 -14.36 12.23 -10.54
C ASN D 75 -15.07 11.09 -9.83
N ILE D 76 -14.42 9.95 -9.74
CA ILE D 76 -14.99 8.83 -9.01
C ILE D 76 -14.01 8.41 -7.93
N SER D 77 -14.59 7.89 -6.84
CA SER D 77 -13.87 7.55 -5.62
C SER D 77 -14.35 6.16 -5.16
N LYS D 78 -13.49 5.17 -5.36
CA LYS D 78 -13.76 3.77 -5.01
C LYS D 78 -12.52 3.27 -4.26
N GLY D 79 -12.62 3.22 -2.92
CA GLY D 79 -11.50 2.84 -2.08
C GLY D 79 -10.37 3.85 -2.23
N ASN D 80 -9.13 3.38 -2.12
CA ASN D 80 -8.04 4.34 -2.29
C ASN D 80 -7.52 4.34 -3.72
N PHE D 81 -8.14 3.58 -4.62
CA PHE D 81 -7.68 3.52 -5.99
C PHE D 81 -7.78 4.89 -6.67
N ARG D 82 -6.70 5.29 -7.35
CA ARG D 82 -6.63 6.60 -8.00
CA ARG D 82 -6.62 6.59 -7.99
C ARG D 82 -7.06 6.45 -9.45
N PHE D 83 -8.34 6.68 -9.70
CA PHE D 83 -8.83 6.68 -11.07
C PHE D 83 -8.44 7.99 -11.76
N ALA D 84 -8.55 8.00 -13.08
CA ALA D 84 -8.21 9.20 -13.83
C ALA D 84 -9.14 10.34 -13.43
N PRO D 85 -8.63 11.52 -13.14
CA PRO D 85 -9.52 12.67 -12.96
C PRO D 85 -10.10 13.08 -14.31
N VAL D 86 -11.30 13.66 -14.27
CA VAL D 86 -12.02 14.01 -15.50
C VAL D 86 -11.13 14.75 -16.48
N MET D 87 -10.26 15.63 -15.98
CA MET D 87 -9.47 16.50 -16.85
C MET D 87 -8.51 15.71 -17.75
N TYR D 88 -8.13 14.50 -17.36
CA TYR D 88 -7.29 13.67 -18.22
C TYR D 88 -8.12 12.71 -19.07
N LEU D 89 -9.43 12.61 -18.80
CA LEU D 89 -10.19 11.48 -19.29
C LEU D 89 -10.22 11.42 -20.80
N GLU D 90 -10.57 12.54 -21.44
CA GLU D 90 -10.57 12.56 -22.90
C GLU D 90 -9.19 12.23 -23.44
N ILE D 91 -8.15 12.76 -22.80
CA ILE D 91 -6.79 12.44 -23.21
C ILE D 91 -6.51 10.96 -23.00
N ALA D 92 -6.95 10.41 -21.87
CA ALA D 92 -6.64 9.01 -21.56
C ALA D 92 -7.27 8.06 -22.57
N LEU D 93 -8.55 8.26 -22.88
CA LEU D 93 -9.23 7.31 -23.75
C LEU D 93 -8.63 7.33 -25.15
N GLU D 94 -8.30 8.52 -25.66
CA GLU D 94 -7.62 8.59 -26.93
C GLU D 94 -6.32 7.82 -26.88
N HIS D 95 -5.55 7.99 -25.79
CA HIS D 95 -4.32 7.22 -25.66
C HIS D 95 -4.61 5.74 -25.71
N ILE D 96 -5.63 5.29 -24.95
CA ILE D 96 -5.95 3.87 -24.89
C ILE D 96 -6.41 3.38 -26.25
N ASP D 97 -7.16 4.21 -26.99
CA ASP D 97 -7.57 3.81 -28.33
C ASP D 97 -6.37 3.45 -29.21
N LYS D 98 -5.20 4.07 -28.98
CA LYS D 98 -4.02 3.82 -29.80
C LYS D 98 -3.03 2.79 -29.23
N MET D 99 -3.28 2.25 -28.06
CA MET D 99 -2.35 1.27 -27.49
C MET D 99 -2.42 -0.05 -28.26
N PRO D 100 -1.30 -0.75 -28.41
CA PRO D 100 -1.29 -2.01 -29.17
C PRO D 100 -1.88 -3.16 -28.36
N GLN D 101 -2.23 -4.24 -29.07
CA GLN D 101 -2.86 -5.38 -28.42
C GLN D 101 -2.48 -6.68 -29.11
N ARG D 102 -1.19 -6.82 -29.43
CA ARG D 102 -0.75 -7.96 -30.25
C ARG D 102 -0.55 -9.21 -29.41
N ASN D 103 -0.08 -9.07 -28.18
CA ASN D 103 0.20 -10.22 -27.31
C ASN D 103 -0.34 -9.95 -25.92
N LEU D 104 -0.15 -10.94 -25.04
CA LEU D 104 -0.76 -10.88 -23.72
C LEU D 104 -0.26 -9.69 -22.92
N ASP D 105 1.03 -9.36 -23.01
CA ASP D 105 1.56 -8.23 -22.27
C ASP D 105 0.86 -6.94 -22.66
N GLU D 106 0.73 -6.70 -23.96
CA GLU D 106 0.14 -5.45 -24.43
C GLU D 106 -1.36 -5.40 -24.13
N ILE D 107 -2.03 -6.55 -24.18
CA ILE D 107 -3.45 -6.62 -23.87
C ILE D 107 -3.70 -6.35 -22.39
N VAL D 108 -2.94 -6.99 -21.52
CA VAL D 108 -3.06 -6.74 -20.09
C VAL D 108 -2.74 -5.28 -19.76
N ALA D 109 -1.66 -4.73 -20.36
CA ALA D 109 -1.31 -3.33 -20.15
C ALA D 109 -2.43 -2.39 -20.58
N LYS D 110 -3.07 -2.70 -21.71
CA LYS D 110 -4.18 -1.87 -22.17
C LYS D 110 -5.38 -2.00 -21.21
N TYR D 111 -5.66 -3.22 -20.75
CA TYR D 111 -6.73 -3.43 -19.79
C TYR D 111 -6.49 -2.63 -18.50
N VAL D 112 -5.25 -2.63 -18.01
CA VAL D 112 -4.91 -1.88 -16.80
C VAL D 112 -5.12 -0.38 -17.00
N GLU D 113 -4.73 0.13 -18.18
CA GLU D 113 -4.94 1.55 -18.45
C GLU D 113 -6.43 1.89 -18.49
N MET D 114 -7.25 1.01 -19.07
CA MET D 114 -8.67 1.28 -19.15
C MET D 114 -9.35 1.13 -17.80
N ASN D 115 -8.83 0.23 -16.95
CA ASN D 115 -9.35 0.12 -15.60
C ASN D 115 -9.08 1.41 -14.82
N ILE D 116 -7.89 2.00 -15.02
CA ILE D 116 -7.59 3.28 -14.39
C ILE D 116 -8.49 4.38 -14.93
N ALA D 117 -8.70 4.41 -16.25
CA ALA D 117 -9.52 5.47 -16.84
C ALA D 117 -10.96 5.42 -16.32
N ALA D 118 -11.51 4.20 -16.18
CA ALA D 118 -12.86 3.97 -15.65
C ALA D 118 -13.83 5.04 -16.14
N PRO D 119 -14.14 5.11 -17.44
CA PRO D 119 -14.80 6.31 -17.98
C PRO D 119 -16.25 6.49 -17.56
N PHE D 120 -16.95 5.47 -17.07
CA PHE D 120 -18.37 5.65 -16.77
C PHE D 120 -18.60 5.93 -15.29
N ARG D 121 -19.77 6.49 -14.99
CA ARG D 121 -20.13 6.77 -13.61
C ARG D 121 -20.16 5.49 -12.77
N GLU D 122 -20.69 4.42 -13.34
CA GLU D 122 -20.72 3.10 -12.71
C GLU D 122 -20.71 2.04 -13.79
N GLY D 123 -20.45 0.79 -13.41
CA GLY D 123 -20.44 -0.30 -14.36
C GLY D 123 -19.15 -0.50 -15.14
N ASN D 124 -18.07 0.19 -14.74
CA ASN D 124 -16.79 0.07 -15.47
C ASN D 124 -16.25 -1.34 -15.43
N GLY D 125 -16.30 -2.00 -14.26
CA GLY D 125 -15.64 -3.29 -14.12
C GLY D 125 -16.29 -4.35 -14.97
N ARG D 126 -17.62 -4.41 -14.94
CA ARG D 126 -18.34 -5.46 -15.66
C ARG D 126 -18.26 -5.25 -17.18
N ALA D 127 -18.53 -4.03 -17.64
CA ALA D 127 -18.43 -3.74 -19.07
C ALA D 127 -17.01 -3.98 -19.58
N THR D 128 -16.01 -3.52 -18.82
CA THR D 128 -14.63 -3.66 -19.26
C THR D 128 -14.16 -5.10 -19.26
N ARG D 129 -14.70 -5.95 -18.37
CA ARG D 129 -14.34 -7.37 -18.46
C ARG D 129 -14.85 -8.00 -19.75
N ILE D 130 -16.05 -7.60 -20.20
CA ILE D 130 -16.53 -8.09 -21.50
C ILE D 130 -15.61 -7.62 -22.63
N TRP D 131 -15.26 -6.33 -22.60
CA TRP D 131 -14.34 -5.72 -23.57
C TRP D 131 -12.99 -6.44 -23.63
N LEU D 132 -12.45 -6.80 -22.46
CA LEU D 132 -11.17 -7.51 -22.42
C LEU D 132 -11.29 -8.86 -23.09
N ASP D 133 -12.34 -9.61 -22.76
CA ASP D 133 -12.48 -10.92 -23.41
C ASP D 133 -12.54 -10.79 -24.93
N LEU D 134 -13.18 -9.73 -25.45
CA LEU D 134 -13.21 -9.62 -26.91
C LEU D 134 -11.83 -9.34 -27.49
N ILE D 135 -11.02 -8.54 -26.80
CA ILE D 135 -9.65 -8.31 -27.26
C ILE D 135 -8.86 -9.62 -27.29
N LEU D 136 -8.97 -10.40 -26.21
CA LEU D 136 -8.27 -11.69 -26.17
C LEU D 136 -8.73 -12.61 -27.29
N LYS D 137 -10.04 -12.67 -27.55
CA LYS D 137 -10.57 -13.53 -28.60
C LYS D 137 -10.06 -13.14 -29.97
N LYS D 138 -10.05 -11.84 -30.26
CA LYS D 138 -9.64 -11.39 -31.58
C LYS D 138 -8.14 -11.62 -31.80
N GLU D 139 -7.31 -11.33 -30.78
CA GLU D 139 -5.87 -11.29 -31.01
C GLU D 139 -5.16 -12.59 -30.68
N LEU D 140 -5.66 -13.37 -29.73
CA LEU D 140 -5.02 -14.61 -29.31
C LEU D 140 -5.91 -15.83 -29.52
N LYS D 141 -7.15 -15.62 -29.97
CA LYS D 141 -8.13 -16.68 -30.07
C LYS D 141 -8.26 -17.41 -28.72
N ARG D 142 -8.26 -16.62 -27.63
CA ARG D 142 -8.50 -17.14 -26.30
C ARG D 142 -9.51 -16.23 -25.59
N VAL D 143 -10.24 -16.80 -24.63
CA VAL D 143 -10.96 -15.99 -23.66
C VAL D 143 -10.55 -16.43 -22.26
N VAL D 144 -10.98 -15.68 -21.27
CA VAL D 144 -10.71 -16.03 -19.88
C VAL D 144 -11.81 -16.99 -19.41
N ASP D 145 -11.39 -18.13 -18.85
CA ASP D 145 -12.30 -18.97 -18.04
C ASP D 145 -12.33 -18.35 -16.66
N TRP D 146 -13.39 -17.61 -16.36
CA TRP D 146 -13.36 -16.83 -15.13
C TRP D 146 -13.42 -17.68 -13.86
N ASN D 147 -13.80 -18.97 -13.94
CA ASN D 147 -13.72 -19.83 -12.76
C ASN D 147 -12.30 -20.22 -12.44
N LEU D 148 -11.34 -19.88 -13.29
CA LEU D 148 -9.95 -20.12 -12.96
C LEU D 148 -9.30 -18.91 -12.30
N ILE D 149 -10.08 -17.90 -11.94
CA ILE D 149 -9.57 -16.71 -11.27
C ILE D 149 -10.35 -16.49 -9.99
N ASN D 150 -9.69 -16.67 -8.85
CA ASN D 150 -10.31 -16.44 -7.55
C ASN D 150 -10.67 -14.96 -7.36
N LYS D 151 -11.79 -14.71 -6.68
CA LYS D 151 -12.28 -13.34 -6.56
C LYS D 151 -11.30 -12.43 -5.81
N GLU D 152 -10.86 -12.86 -4.61
CA GLU D 152 -9.98 -12.00 -3.82
C GLU D 152 -8.65 -11.79 -4.54
N ASP D 153 -8.12 -12.84 -5.17
CA ASP D 153 -6.90 -12.67 -5.97
C ASP D 153 -7.13 -11.67 -7.10
N TYR D 154 -8.30 -11.73 -7.76
CA TYR D 154 -8.59 -10.78 -8.82
C TYR D 154 -8.59 -9.35 -8.30
N LEU D 155 -9.39 -9.08 -7.26
CA LEU D 155 -9.54 -7.73 -6.74
C LEU D 155 -8.21 -7.18 -6.24
N SER D 156 -7.45 -8.01 -5.51
CA SER D 156 -6.12 -7.60 -5.06
C SER D 156 -5.20 -7.31 -6.24
N ALA D 157 -5.25 -8.17 -7.26
CA ALA D 157 -4.36 -8.02 -8.42
C ALA D 157 -4.69 -6.75 -9.19
N MET D 158 -5.97 -6.43 -9.33
CA MET D 158 -6.38 -5.20 -10.00
C MET D 158 -5.96 -3.96 -9.21
N GLU D 159 -6.13 -3.97 -7.88
CA GLU D 159 -5.70 -2.82 -7.10
C GLU D 159 -4.20 -2.62 -7.20
N ARG D 160 -3.44 -3.71 -7.27
CA ARG D 160 -1.99 -3.63 -7.43
C ARG D 160 -1.59 -3.20 -8.84
N SER D 161 -2.47 -3.41 -9.83
CA SER D 161 -2.05 -3.34 -11.23
C SER D 161 -1.41 -2.02 -11.67
N PRO D 162 -1.79 -0.84 -11.18
CA PRO D 162 -1.09 0.36 -11.65
C PRO D 162 0.39 0.36 -11.32
N VAL D 163 0.80 -0.32 -10.26
CA VAL D 163 2.21 -0.38 -9.88
C VAL D 163 2.95 -1.48 -10.62
N LYS D 164 2.38 -2.69 -10.65
CA LYS D 164 2.98 -3.82 -11.35
C LYS D 164 1.84 -4.74 -11.75
N ASP D 165 1.69 -5.01 -13.05
CA ASP D 165 0.57 -5.79 -13.56
C ASP D 165 0.88 -7.28 -13.62
N LEU D 166 1.96 -7.69 -12.96
CA LEU D 166 2.34 -9.10 -12.97
C LEU D 166 1.26 -9.98 -12.38
N GLU D 167 0.63 -9.55 -11.27
CA GLU D 167 -0.37 -10.41 -10.65
C GLU D 167 -1.58 -10.65 -11.57
N ILE D 168 -2.11 -9.56 -12.15
CA ILE D 168 -3.28 -9.72 -13.01
C ILE D 168 -2.92 -10.48 -14.27
N LYS D 169 -1.71 -10.22 -14.82
CA LYS D 169 -1.23 -10.97 -15.98
C LYS D 169 -1.18 -12.46 -15.68
N TYR D 170 -0.68 -12.81 -14.51
CA TYR D 170 -0.55 -14.22 -14.16
C TYR D 170 -1.92 -14.87 -14.07
N LEU D 171 -2.87 -14.19 -13.41
CA LEU D 171 -4.22 -14.77 -13.29
C LEU D 171 -4.86 -15.00 -14.66
N ILE D 172 -4.78 -13.99 -15.53
CA ILE D 172 -5.38 -14.10 -16.85
C ILE D 172 -4.71 -15.21 -17.65
N SER D 173 -3.38 -15.20 -17.69
CA SER D 173 -2.62 -16.16 -18.49
C SER D 173 -2.94 -17.59 -18.08
N ASN D 174 -3.09 -17.82 -16.78
CA ASN D 174 -3.43 -19.16 -16.32
C ASN D 174 -4.91 -19.49 -16.45
N ALA D 175 -5.76 -18.51 -16.75
CA ALA D 175 -7.18 -18.77 -16.98
C ALA D 175 -7.57 -18.82 -18.45
N LEU D 176 -6.62 -18.66 -19.37
CA LEU D 176 -6.94 -18.65 -20.79
C LEU D 176 -7.41 -20.02 -21.29
N THR D 177 -8.50 -19.99 -22.05
CA THR D 177 -9.03 -21.14 -22.76
C THR D 177 -9.19 -20.81 -24.23
N ASP D 178 -9.09 -21.82 -25.09
CA ASP D 178 -9.28 -21.65 -26.52
C ASP D 178 -10.74 -21.77 -26.96
N LYS D 179 -11.65 -22.09 -26.03
CA LYS D 179 -13.07 -22.28 -26.32
C LYS D 179 -13.77 -20.93 -26.43
N ILE D 180 -13.40 -20.20 -27.49
CA ILE D 180 -13.87 -18.82 -27.68
C ILE D 180 -15.30 -18.70 -28.19
N ASN D 181 -15.96 -19.82 -28.49
CA ASN D 181 -17.38 -19.76 -28.83
C ASN D 181 -18.21 -20.55 -27.86
N ASP D 182 -17.66 -20.90 -26.70
CA ASP D 182 -18.38 -21.66 -25.69
C ASP D 182 -19.35 -20.75 -24.94
N ARG D 183 -20.65 -20.99 -25.14
CA ARG D 183 -21.68 -20.17 -24.50
C ARG D 183 -21.61 -20.29 -22.99
N GLU D 184 -21.23 -21.46 -22.50
CA GLU D 184 -21.14 -21.69 -21.08
C GLU D 184 -20.00 -20.88 -20.46
N ILE D 185 -18.83 -20.83 -21.12
CA ILE D 185 -17.76 -19.97 -20.62
C ILE D 185 -18.19 -18.52 -20.53
N PHE D 186 -18.89 -18.02 -21.55
CA PHE D 186 -19.33 -16.63 -21.49
C PHE D 186 -20.34 -16.40 -20.38
N MET D 187 -21.37 -17.24 -20.31
CA MET D 187 -22.44 -16.97 -19.36
C MET D 187 -21.95 -17.09 -17.92
N LYS D 188 -21.19 -18.14 -17.63
CA LYS D 188 -20.61 -18.24 -16.30
C LYS D 188 -19.61 -17.11 -16.05
N GLY D 189 -18.87 -16.69 -17.07
CA GLY D 189 -18.03 -15.51 -16.89
C GLY D 189 -18.85 -14.29 -16.48
N ILE D 190 -20.07 -14.14 -17.01
CA ILE D 190 -20.91 -13.03 -16.61
C ILE D 190 -21.28 -13.13 -15.13
N ASP D 191 -21.68 -14.33 -14.70
CA ASP D 191 -22.04 -14.47 -13.29
C ASP D 191 -20.85 -14.19 -12.38
N ILE D 192 -19.67 -14.68 -12.76
CA ILE D 192 -18.50 -14.44 -11.92
C ILE D 192 -18.15 -12.96 -11.91
N SER D 193 -18.21 -12.30 -13.07
CA SER D 193 -17.92 -10.88 -13.16
C SER D 193 -18.84 -10.06 -12.25
N TYR D 194 -20.13 -10.41 -12.21
CA TYR D 194 -21.04 -9.73 -11.30
C TYR D 194 -20.74 -10.06 -9.85
N TYR D 195 -20.31 -11.30 -9.58
CA TYR D 195 -19.95 -11.70 -8.23
C TYR D 195 -18.76 -10.92 -7.70
N TYR D 196 -17.77 -10.62 -8.57
CA TYR D 196 -16.63 -9.78 -8.17
C TYR D 196 -17.09 -8.44 -7.60
N GLU D 197 -18.17 -7.88 -8.13
CA GLU D 197 -18.68 -6.59 -7.69
C GLU D 197 -19.76 -6.75 -6.63
N GLY D 198 -20.06 -7.99 -6.24
CA GLY D 198 -20.95 -8.27 -5.14
C GLY D 198 -22.40 -8.50 -5.50
N TYR D 199 -22.72 -8.71 -6.77
CA TYR D 199 -24.10 -8.98 -7.18
C TYR D 199 -24.20 -10.47 -7.48
N THR D 200 -24.98 -11.19 -6.66
CA THR D 200 -25.07 -12.64 -6.80
C THR D 200 -26.50 -13.17 -6.66
N GLU D 201 -27.50 -12.31 -6.82
CA GLU D 201 -28.87 -12.74 -6.60
C GLU D 201 -29.41 -13.64 -7.70
N TYR D 202 -28.81 -13.60 -8.90
CA TYR D 202 -29.33 -14.36 -10.03
C TYR D 202 -28.23 -15.17 -10.71
N ASN D 203 -28.67 -16.16 -11.47
CA ASN D 203 -27.84 -16.87 -12.43
C ASN D 203 -28.32 -16.47 -13.83
N VAL D 204 -27.39 -15.98 -14.64
CA VAL D 204 -27.76 -15.36 -15.91
C VAL D 204 -28.45 -16.35 -16.84
N ASP D 205 -28.06 -17.63 -16.76
CA ASP D 205 -28.63 -18.62 -17.65
C ASP D 205 -30.09 -18.93 -17.33
N GLU D 206 -30.55 -18.60 -16.12
CA GLU D 206 -31.96 -18.75 -15.76
C GLU D 206 -32.81 -17.53 -16.11
N LEU D 207 -32.23 -16.48 -16.67
CA LEU D 207 -33.01 -15.30 -17.03
C LEU D 207 -33.50 -15.34 -18.47
S SO4 E . 15.08 13.42 -6.54
O1 SO4 E . 16.05 13.23 -7.66
O2 SO4 E . 15.22 14.72 -5.87
O3 SO4 E . 15.40 12.38 -5.56
O4 SO4 E . 13.69 13.20 -7.03
S SO4 F . -17.86 -7.20 11.25
O1 SO4 F . -18.01 -6.52 9.97
O2 SO4 F . -16.42 -7.44 11.48
O3 SO4 F . -18.46 -6.37 12.30
O4 SO4 F . -18.52 -8.50 11.18
S SO4 G . 19.66 -4.77 6.60
O1 SO4 G . 19.43 -3.69 5.65
O2 SO4 G . 20.52 -5.79 5.97
O3 SO4 G . 20.30 -4.17 7.79
O4 SO4 G . 18.33 -5.34 6.97
S SO4 H . -18.62 -1.99 -11.44
O1 SO4 H . -17.30 -1.36 -11.68
O2 SO4 H . -18.79 -3.06 -12.44
O3 SO4 H . -18.63 -2.55 -10.08
O4 SO4 H . -19.69 -0.99 -11.52
#